data_1AR8
#
_entry.id   1AR8
#
_cell.length_a   323.040
_cell.length_b   358.220
_cell.length_c   380.140
_cell.angle_alpha   90.00
_cell.angle_beta   90.00
_cell.angle_gamma   90.00
#
_symmetry.space_group_name_H-M   'P 21 21 2'
#
loop_
_entity.id
_entity.type
_entity.pdbx_description
1 polymer 'P1/MAHONEY POLIOVIRUS'
2 polymer 'P1/MAHONEY POLIOVIRUS'
3 polymer 'P1/MAHONEY POLIOVIRUS'
4 polymer 'P1/MAHONEY POLIOVIRUS'
5 polymer 'P1/MAHONEY POLIOVIRUS'
6 non-polymer SPHINGOSINE
7 non-polymer 'MYRISTIC ACID'
8 water water
#
loop_
_entity_poly.entity_id
_entity_poly.type
_entity_poly.pdbx_seq_one_letter_code
_entity_poly.pdbx_strand_id
1 'polypeptide(L)' AAAASSST 0
2 'polypeptide(L)'
;GLGQMLESMIDNTVRETVGAATSRDALPNTEASGPTHSKEIPALTAVETGATNPLVPSDTVQTRHVVQHRSRSESSIESF
FARGACVTIMTVDNSASTTNKDKLFAVWKITYKDTVQLRRKLEFFTYSRFDMELTFVVTANFTETNNGHALNQVYQIMYV
PPGAPVPEKWDDYTWQTSSNPSIFYTYGTAPARISVPYVGISNAYSHFYDGFSKVPLKDQSAALGDSLYGAASLNDFGIL
AVRVVNDHNPTKVTSKIRVYLKPKHIRVWCPRPPRAVAYYGPGVDYKDGTLTPLSTKDLTTY
;
1
3 'polypeptide(L)'
;SPNIEACGYSDRVLQLTLGNSTITTQEAANSVVAYGRWPEYLRDSEANPVDQPTEPDVAACRFYTLDTVSWTKESRGWWW
KLPDALRDMGLFGQNMYYHYLGRSGYTVHVQCNASKFHQGALGVFAVPEMCLAGDSNTTTMHTSYQNANPGEKGGTFTGT
FTPDNNQTSPARRFCPVDYLLGNGTLLGNAFVFPHQIINLRTNNCATLVLPYVNSLSIDSMVKHNNWGIAILPLAPLNFA
SESSPEIPITLTIAPMCCEFNGLRNITLPRLQ
;
2
4 'polypeptide(L)'
;GLPVMNTPGSNQYLTADNFQSPCALPEFDVTPPIDIPGEVKNMMELAEIDTMIPFDLSATKKNTMEMYRVRLSDKPHTDD
PILCLSLSPASDPRLSHTMLGEILNYYTHWAGSLKFTFLFCGSMMATGKLLVSYAPPGADPPKKRKEAMLGTHVIWDIGL
QSSCTMVVPWISNTTYRQTIDDSFTEGGYISVFYQTRIVVPLSTPREMDILGFVSACNDFSVRLLRDTTHIEQKALAQ
;
3
5 'polypeptide(L)' GAQVSSQKVGAHENSNRAYGGSTINYTTINYYRDSASNAASKQDFSQDPSKFTEPIKDVLIKTAPMLN 4
#
loop_
_chem_comp.id
_chem_comp.type
_chem_comp.name
_chem_comp.formula
MYR non-polymer 'MYRISTIC ACID' 'C14 H28 O2'
SPH non-polymer SPHINGOSINE 'C18 H37 N O2'
#
# COMPACT_ATOMS: atom_id res chain seq x y z
N ALA A 1 -0.20 -30.68 -36.96
CA ALA A 1 -0.85 -29.49 -36.38
C ALA A 1 -1.64 -29.76 -35.12
N ALA A 2 -2.64 -30.65 -35.07
CA ALA A 2 -3.42 -30.99 -33.86
C ALA A 2 -2.87 -30.54 -32.49
N ALA A 3 -1.74 -31.12 -32.07
CA ALA A 3 -1.04 -30.65 -30.87
C ALA A 3 -0.41 -29.25 -30.98
N ALA A 4 0.20 -28.92 -32.12
CA ALA A 4 0.83 -27.63 -32.38
N SER A 5 -1.37 -26.48 -32.46
CA SER A 5 -2.37 -25.55 -31.98
C SER A 5 -3.01 -25.83 -30.63
N SER A 6 -2.47 -25.34 -29.52
CA SER A 6 -3.22 -25.46 -28.27
C SER A 6 -4.32 -24.38 -28.21
N SER A 7 -5.45 -24.76 -27.65
CA SER A 7 -6.65 -23.95 -27.50
C SER A 7 -7.17 -23.78 -26.08
N THR A 8 -7.61 -22.58 -25.71
CA THR A 8 -8.19 -22.24 -24.41
C THR A 8 -9.54 -21.52 -24.40
N ALA B 20 -9.46 -21.08 -9.57
CA ALA B 20 -10.12 -21.23 -10.88
C ALA B 20 -10.94 -19.98 -11.30
N ALA B 21 -11.35 -19.15 -10.33
CA ALA B 21 -12.06 -17.92 -10.67
C ALA B 21 -11.12 -16.96 -11.43
N THR B 22 -11.55 -16.57 -12.61
CA THR B 22 -10.75 -15.66 -13.39
C THR B 22 -11.17 -14.21 -13.22
N SER B 23 -10.20 -13.29 -13.35
CA SER B 23 -10.45 -11.85 -13.33
C SER B 23 -11.68 -11.41 -14.13
N ARG B 24 -12.02 -12.08 -15.22
CA ARG B 24 -13.22 -11.65 -15.92
C ARG B 24 -14.51 -12.42 -15.65
N ASP B 25 -14.53 -13.34 -14.69
CA ASP B 25 -15.81 -13.96 -14.31
C ASP B 25 -16.78 -12.97 -13.72
N ALA B 26 -18.07 -13.14 -13.97
CA ALA B 26 -19.06 -12.27 -13.34
C ALA B 26 -19.05 -12.37 -11.82
N LEU B 27 -19.38 -11.27 -11.18
CA LEU B 27 -19.45 -11.26 -9.73
C LEU B 27 -20.67 -12.01 -9.20
N PRO B 28 -20.74 -12.37 -7.92
CA PRO B 28 -21.86 -13.07 -7.33
C PRO B 28 -23.22 -12.44 -7.49
N ASN B 29 -24.21 -13.29 -7.75
CA ASN B 29 -25.58 -12.83 -7.79
C ASN B 29 -26.13 -12.39 -6.45
N THR B 30 -26.98 -11.39 -6.48
CA THR B 30 -27.72 -11.04 -5.27
C THR B 30 -28.86 -12.03 -5.12
N GLU B 31 -28.99 -12.54 -3.92
CA GLU B 31 -30.06 -13.47 -3.65
C GLU B 31 -31.23 -12.80 -2.96
N ALA B 32 -32.44 -13.22 -3.27
CA ALA B 32 -33.61 -12.70 -2.60
C ALA B 32 -33.62 -13.01 -1.10
N SER B 33 -33.91 -12.04 -0.24
CA SER B 33 -34.06 -12.34 1.17
C SER B 33 -35.19 -11.56 1.84
N GLY B 34 -35.85 -12.25 2.73
CA GLY B 34 -37.04 -11.74 3.37
C GLY B 34 -36.89 -11.18 4.78
N PRO B 35 -38.00 -10.98 5.51
CA PRO B 35 -37.96 -10.49 6.88
C PRO B 35 -37.21 -11.41 7.83
N THR B 36 -36.68 -10.87 8.91
CA THR B 36 -35.95 -11.65 9.91
C THR B 36 -36.32 -11.22 11.31
N HIS B 37 -36.32 -12.16 12.23
CA HIS B 37 -36.52 -11.91 13.65
C HIS B 37 -35.74 -13.03 14.36
N SER B 38 -34.45 -12.93 14.55
CA SER B 38 -33.68 -14.00 15.15
C SER B 38 -32.50 -13.57 16.01
N LYS B 39 -31.72 -14.53 16.47
CA LYS B 39 -30.50 -14.30 17.22
C LYS B 39 -29.22 -14.16 16.41
N GLU B 40 -29.27 -14.40 15.11
CA GLU B 40 -28.09 -14.22 14.29
C GLU B 40 -27.93 -12.71 14.12
N ILE B 41 -26.74 -12.21 14.40
CA ILE B 41 -26.47 -10.79 14.39
C ILE B 41 -25.37 -10.31 13.43
N PRO B 42 -25.52 -10.54 12.11
CA PRO B 42 -24.60 -10.06 11.08
C PRO B 42 -24.11 -8.62 11.27
N ALA B 43 -25.05 -7.71 11.55
CA ALA B 43 -24.72 -6.30 11.72
C ALA B 43 -23.79 -5.92 12.84
N LEU B 44 -23.84 -6.63 13.98
CA LEU B 44 -22.96 -6.33 15.08
C LEU B 44 -21.63 -7.07 14.94
N THR B 45 -20.53 -6.38 15.16
CA THR B 45 -19.21 -6.97 15.05
C THR B 45 -18.21 -6.28 16.01
N ALA B 46 -16.91 -6.53 15.89
CA ALA B 46 -15.91 -5.90 16.72
C ALA B 46 -14.60 -5.74 15.91
N VAL B 47 -14.37 -4.54 15.39
CA VAL B 47 -13.23 -4.35 14.52
C VAL B 47 -11.85 -4.42 15.17
N GLU B 48 -11.84 -4.37 16.49
CA GLU B 48 -10.64 -4.57 17.30
C GLU B 48 -9.88 -5.82 16.93
N THR B 49 -10.65 -6.83 16.52
CA THR B 49 -10.10 -8.11 16.07
C THR B 49 -9.15 -7.99 14.90
N GLY B 50 -9.30 -6.94 14.10
CA GLY B 50 -8.45 -6.69 12.94
C GLY B 50 -9.11 -7.12 11.63
N ALA B 51 -10.30 -7.68 11.75
CA ALA B 51 -11.07 -8.15 10.62
C ALA B 51 -12.10 -7.16 10.08
N THR B 52 -12.54 -7.38 8.85
CA THR B 52 -13.56 -6.56 8.23
C THR B 52 -14.82 -7.42 8.08
N ASN B 53 -15.94 -6.94 8.56
CA ASN B 53 -17.23 -7.62 8.48
C ASN B 53 -17.66 -7.95 7.06
N PRO B 54 -17.77 -9.22 6.65
CA PRO B 54 -17.96 -9.63 5.27
C PRO B 54 -19.42 -9.50 4.85
N LEU B 55 -20.13 -8.46 5.26
CA LEU B 55 -21.54 -8.37 4.97
C LEU B 55 -21.90 -8.02 3.53
N VAL B 56 -23.07 -8.52 3.17
CA VAL B 56 -23.69 -8.24 1.88
C VAL B 56 -25.09 -7.67 2.12
N PRO B 57 -25.71 -6.93 1.21
CA PRO B 57 -27.01 -6.31 1.43
C PRO B 57 -28.12 -7.16 2.01
N SER B 58 -28.24 -8.41 1.56
CA SER B 58 -29.25 -9.32 2.13
C SER B 58 -29.10 -9.61 3.60
N ASP B 59 -27.97 -9.23 4.19
CA ASP B 59 -27.78 -9.31 5.62
C ASP B 59 -28.50 -8.28 6.44
N THR B 60 -28.70 -7.09 5.90
CA THR B 60 -29.33 -6.03 6.68
C THR B 60 -30.56 -5.46 6.04
N VAL B 61 -30.85 -5.74 4.79
CA VAL B 61 -32.10 -5.30 4.17
C VAL B 61 -32.78 -6.42 3.39
N GLN B 62 -34.05 -6.27 3.05
CA GLN B 62 -34.70 -7.25 2.19
C GLN B 62 -34.28 -7.04 0.74
N THR B 63 -33.62 -8.03 0.18
CA THR B 63 -33.17 -8.00 -1.20
C THR B 63 -34.02 -8.80 -2.16
N ARG B 64 -33.99 -8.39 -3.42
CA ARG B 64 -34.59 -9.16 -4.49
C ARG B 64 -33.49 -10.00 -5.15
N HIS B 65 -33.83 -10.87 -6.09
CA HIS B 65 -32.82 -11.61 -6.78
C HIS B 65 -32.30 -10.91 -8.03
N VAL B 66 -30.99 -10.86 -8.15
CA VAL B 66 -30.37 -10.21 -9.30
C VAL B 66 -29.26 -11.05 -9.89
N VAL B 67 -29.35 -11.29 -11.19
CA VAL B 67 -28.32 -12.04 -11.89
C VAL B 67 -27.26 -11.03 -12.28
N GLN B 68 -26.13 -11.11 -11.61
CA GLN B 68 -25.01 -10.23 -11.78
C GLN B 68 -24.12 -10.45 -12.98
N HIS B 69 -23.96 -9.43 -13.80
CA HIS B 69 -23.11 -9.48 -14.97
C HIS B 69 -21.77 -8.79 -14.87
N ARG B 70 -21.62 -7.84 -13.95
CA ARG B 70 -20.37 -7.11 -13.83
C ARG B 70 -19.15 -7.94 -13.46
N SER B 71 -17.98 -7.57 -13.95
CA SER B 71 -16.76 -8.31 -13.62
C SER B 71 -15.64 -7.38 -13.22
N ARG B 72 -14.64 -7.91 -12.53
CA ARG B 72 -13.48 -7.13 -12.12
C ARG B 72 -12.33 -7.19 -13.10
N SER B 73 -12.61 -7.52 -14.36
CA SER B 73 -11.61 -7.65 -15.41
C SER B 73 -10.62 -6.51 -15.53
N GLU B 74 -11.08 -5.28 -15.46
CA GLU B 74 -10.17 -4.17 -15.66
C GLU B 74 -9.39 -3.74 -14.43
N SER B 75 -9.68 -4.30 -13.27
CA SER B 75 -8.94 -3.91 -12.08
C SER B 75 -7.99 -4.98 -11.57
N SER B 76 -7.68 -5.94 -12.43
CA SER B 76 -6.69 -6.95 -12.12
C SER B 76 -5.32 -6.30 -12.02
N ILE B 77 -4.29 -6.89 -11.42
CA ILE B 77 -3.02 -6.19 -11.35
C ILE B 77 -2.42 -5.89 -12.73
N GLU B 78 -2.48 -6.83 -13.67
CA GLU B 78 -1.98 -6.60 -15.03
C GLU B 78 -2.71 -5.45 -15.69
N SER B 79 -4.05 -5.52 -15.67
CA SER B 79 -4.85 -4.49 -16.29
C SER B 79 -4.65 -3.11 -15.70
N PHE B 80 -4.43 -3.02 -14.39
CA PHE B 80 -4.11 -1.75 -13.75
C PHE B 80 -2.83 -1.08 -14.23
N PHE B 81 -1.81 -1.87 -14.52
CA PHE B 81 -0.52 -1.37 -14.99
C PHE B 81 -0.25 -1.46 -16.48
N ALA B 82 -1.16 -2.01 -17.28
CA ALA B 82 -0.99 -2.19 -18.72
C ALA B 82 -1.04 -0.96 -19.60
N ARG B 83 -0.15 -0.03 -19.29
CA ARG B 83 -0.05 1.25 -19.92
C ARG B 83 1.39 1.70 -19.92
N GLY B 84 1.84 2.20 -21.04
CA GLY B 84 3.15 2.83 -21.13
C GLY B 84 3.09 4.18 -20.41
N ALA B 85 4.00 4.40 -19.49
CA ALA B 85 4.05 5.64 -18.74
C ALA B 85 5.38 6.37 -18.88
N CYS B 86 5.37 7.68 -19.04
CA CYS B 86 6.62 8.41 -19.18
C CYS B 86 7.47 8.47 -17.93
N VAL B 87 8.67 7.94 -18.02
CA VAL B 87 9.57 7.96 -16.88
C VAL B 87 10.72 8.94 -16.97
N THR B 88 10.98 9.50 -18.14
CA THR B 88 12.03 10.49 -18.33
C THR B 88 12.07 11.12 -19.70
N ILE B 89 12.67 12.29 -19.78
CA ILE B 89 12.89 12.98 -21.04
C ILE B 89 14.40 13.23 -21.14
N MET B 90 15.01 12.74 -22.19
CA MET B 90 16.43 12.96 -22.40
C MET B 90 16.71 13.93 -23.53
N THR B 91 17.57 14.88 -23.29
CA THR B 91 17.96 15.88 -24.27
C THR B 91 19.34 15.66 -24.83
N VAL B 92 19.42 15.57 -26.14
CA VAL B 92 20.69 15.50 -26.80
C VAL B 92 20.70 16.52 -27.92
N ASP B 93 21.85 16.81 -28.50
CA ASP B 93 21.82 17.65 -29.69
C ASP B 93 22.83 17.22 -30.74
N ASN B 94 22.98 17.98 -31.81
CA ASN B 94 24.05 17.66 -32.75
C ASN B 94 24.84 18.88 -33.20
N SER B 95 25.49 19.56 -32.27
CA SER B 95 26.33 20.70 -32.64
C SER B 95 27.82 20.44 -32.68
N ALA B 96 28.58 21.35 -33.30
CA ALA B 96 30.03 21.20 -33.35
C ALA B 96 30.79 21.31 -32.02
N SER B 97 31.38 20.19 -31.54
CA SER B 97 32.16 20.18 -30.28
C SER B 97 33.23 21.26 -30.27
N THR B 98 33.17 22.32 -29.45
CA THR B 98 34.23 23.34 -29.50
C THR B 98 34.90 23.66 -28.16
N THR B 99 36.23 23.94 -28.16
CA THR B 99 37.05 24.01 -26.91
C THR B 99 36.35 24.17 -25.57
N ASN B 100 35.43 25.11 -25.34
CA ASN B 100 34.70 25.09 -24.07
C ASN B 100 33.41 24.22 -23.96
N LYS B 101 32.58 24.13 -24.98
CA LYS B 101 31.32 23.35 -25.00
C LYS B 101 31.39 22.19 -26.01
N ASP B 102 30.93 20.97 -25.67
CA ASP B 102 31.00 19.76 -26.51
C ASP B 102 29.67 19.37 -27.16
N LYS B 103 29.70 18.55 -28.22
CA LYS B 103 28.43 18.01 -28.73
C LYS B 103 27.74 17.24 -27.59
N LEU B 104 26.46 17.53 -27.40
CA LEU B 104 25.71 16.96 -26.29
C LEU B 104 25.11 15.58 -26.40
N PHE B 105 25.68 14.63 -25.70
CA PHE B 105 25.04 13.34 -25.54
C PHE B 105 24.41 13.25 -24.14
N ALA B 106 23.46 12.37 -23.94
CA ALA B 106 22.77 12.26 -22.67
C ALA B 106 22.97 10.96 -21.90
N VAL B 107 22.93 11.06 -20.59
CA VAL B 107 23.12 9.96 -19.67
C VAL B 107 21.98 9.96 -18.66
N TRP B 108 21.28 8.87 -18.49
CA TRP B 108 20.18 8.78 -17.53
C TRP B 108 20.27 7.54 -16.69
N LYS B 109 20.23 7.72 -15.39
CA LYS B 109 20.18 6.60 -14.48
C LYS B 109 18.78 6.02 -14.41
N ILE B 110 18.62 4.79 -14.88
CA ILE B 110 17.31 4.16 -14.94
C ILE B 110 16.60 4.06 -13.60
N THR B 111 15.39 4.58 -13.59
CA THR B 111 14.54 4.61 -12.42
C THR B 111 13.08 4.88 -12.76
N TYR B 112 12.14 4.58 -11.86
CA TYR B 112 10.76 4.99 -12.10
C TYR B 112 10.37 6.20 -11.24
N LYS B 113 11.33 6.77 -10.52
CA LYS B 113 11.06 7.84 -9.57
C LYS B 113 11.33 9.27 -10.03
N ASP B 114 11.75 9.49 -11.26
CA ASP B 114 11.93 10.83 -11.76
C ASP B 114 10.60 11.48 -12.11
N THR B 115 9.60 10.68 -12.39
CA THR B 115 8.25 11.21 -12.57
C THR B 115 7.37 10.69 -11.46
N VAL B 116 6.15 11.20 -11.31
CA VAL B 116 5.35 10.77 -10.17
C VAL B 116 4.20 9.82 -10.41
N GLN B 117 3.58 9.82 -11.58
CA GLN B 117 2.40 9.00 -11.81
C GLN B 117 2.55 7.50 -11.72
N LEU B 118 3.45 6.87 -12.46
CA LEU B 118 3.69 5.44 -12.32
C LEU B 118 4.28 5.11 -10.96
N ARG B 119 5.18 5.95 -10.43
CA ARG B 119 5.75 5.77 -9.10
C ARG B 119 4.65 5.56 -8.05
N ARG B 120 3.63 6.41 -8.10
CA ARG B 120 2.52 6.32 -7.17
C ARG B 120 1.77 4.99 -7.32
N LYS B 121 1.51 4.59 -8.57
CA LYS B 121 0.86 3.31 -8.84
C LYS B 121 1.64 2.11 -8.32
N LEU B 122 2.93 2.01 -8.60
CA LEU B 122 3.78 0.93 -8.09
C LEU B 122 3.85 0.91 -6.57
N GLU B 123 3.87 2.09 -5.96
CA GLU B 123 3.94 2.17 -4.51
C GLU B 123 2.66 1.87 -3.74
N PHE B 124 1.60 1.45 -4.41
CA PHE B 124 0.47 0.84 -3.73
C PHE B 124 0.91 -0.50 -3.13
N PHE B 125 2.10 -0.97 -3.53
CA PHE B 125 2.66 -2.23 -3.10
C PHE B 125 4.09 -2.17 -2.60
N THR B 126 4.47 -3.05 -1.68
CA THR B 126 5.83 -3.11 -1.14
C THR B 126 6.83 -3.76 -2.09
N TYR B 127 6.45 -4.85 -2.72
CA TYR B 127 7.35 -5.56 -3.63
C TYR B 127 6.71 -5.89 -4.96
N SER B 128 7.48 -6.02 -6.02
CA SER B 128 6.90 -6.38 -7.31
C SER B 128 7.85 -7.19 -8.19
N ARG B 129 7.30 -7.86 -9.17
CA ARG B 129 8.04 -8.66 -10.12
C ARG B 129 7.47 -8.44 -11.50
N PHE B 130 8.26 -8.11 -12.49
CA PHE B 130 7.72 -7.95 -13.85
C PHE B 130 8.76 -7.88 -14.94
N ASP B 131 8.33 -8.24 -16.14
CA ASP B 131 9.13 -7.97 -17.32
C ASP B 131 8.87 -6.53 -17.70
N MET B 132 9.81 -5.89 -18.33
CA MET B 132 9.68 -4.48 -18.64
C MET B 132 9.67 -4.17 -20.13
N GLU B 133 8.72 -3.36 -20.58
CA GLU B 133 8.70 -2.94 -21.98
C GLU B 133 9.01 -1.46 -22.09
N LEU B 134 10.13 -1.13 -22.72
CA LEU B 134 10.51 0.26 -22.92
C LEU B 134 10.26 0.72 -24.36
N THR B 135 9.47 1.77 -24.47
CA THR B 135 9.20 2.40 -25.74
C THR B 135 9.78 3.80 -25.81
N PHE B 136 10.46 4.13 -26.90
CA PHE B 136 11.12 5.41 -27.06
C PHE B 136 10.56 6.35 -28.13
N VAL B 137 10.07 7.51 -27.69
CA VAL B 137 9.59 8.52 -28.62
C VAL B 137 10.60 9.66 -28.80
N VAL B 138 11.01 9.86 -30.02
CA VAL B 138 12.05 10.80 -30.37
C VAL B 138 11.56 11.97 -31.22
N THR B 139 11.76 13.17 -30.71
CA THR B 139 11.36 14.37 -31.43
C THR B 139 12.48 15.37 -31.55
N ALA B 140 12.60 16.02 -32.68
CA ALA B 140 13.64 17.01 -32.87
C ALA B 140 13.16 18.34 -33.43
N ASN B 141 13.95 19.38 -33.26
CA ASN B 141 13.66 20.69 -33.82
C ASN B 141 14.89 21.56 -34.01
N PHE B 142 14.70 22.65 -34.74
CA PHE B 142 15.74 23.62 -35.03
C PHE B 142 15.83 24.64 -33.93
N THR B 143 17.05 24.86 -33.41
CA THR B 143 17.16 25.81 -32.35
C THR B 143 17.45 27.22 -32.80
N GLU B 144 17.81 27.49 -34.03
CA GLU B 144 18.11 28.86 -34.38
C GLU B 144 17.35 29.36 -35.56
N THR B 145 17.14 30.67 -35.59
CA THR B 145 16.48 31.40 -36.69
C THR B 145 17.33 31.57 -37.94
N ASN B 146 17.95 30.45 -38.25
CA ASN B 146 18.84 30.13 -39.33
C ASN B 146 17.98 29.99 -40.57
N ASN B 147 18.28 28.98 -41.35
CA ASN B 147 17.64 28.63 -42.63
C ASN B 147 18.33 27.37 -43.09
N GLY B 148 19.50 27.00 -42.52
CA GLY B 148 20.20 25.79 -42.88
C GLY B 148 19.36 24.53 -42.70
N HIS B 149 19.92 23.42 -43.12
CA HIS B 149 19.21 22.19 -42.96
C HIS B 149 20.10 21.13 -42.36
N ALA B 150 19.40 20.05 -42.13
CA ALA B 150 19.95 18.86 -41.52
C ALA B 150 19.37 17.61 -42.15
N LEU B 151 20.21 16.67 -42.51
CA LEU B 151 19.69 15.43 -43.06
C LEU B 151 19.16 14.55 -41.93
N ASN B 152 18.35 13.55 -42.21
CA ASN B 152 17.75 12.71 -41.19
C ASN B 152 18.70 12.08 -40.18
N GLN B 153 18.41 12.28 -38.91
CA GLN B 153 19.25 11.77 -37.85
C GLN B 153 19.06 10.33 -37.39
N VAL B 154 20.17 9.65 -37.09
CA VAL B 154 20.11 8.34 -36.46
C VAL B 154 20.62 8.48 -35.03
N TYR B 155 19.84 7.98 -34.09
CA TYR B 155 20.16 8.03 -32.68
C TYR B 155 20.66 6.68 -32.17
N GLN B 156 21.63 6.66 -31.28
CA GLN B 156 22.05 5.44 -30.64
C GLN B 156 21.71 5.46 -29.15
N ILE B 157 20.88 4.52 -28.72
CA ILE B 157 20.52 4.36 -27.33
C ILE B 157 21.30 3.17 -26.74
N MET B 158 22.39 3.40 -26.01
CA MET B 158 23.16 2.34 -25.39
C MET B 158 22.85 2.09 -23.92
N TYR B 159 22.64 0.84 -23.55
CA TYR B 159 22.46 0.45 -22.18
C TYR B 159 23.82 0.16 -21.56
N VAL B 160 24.20 0.91 -20.54
CA VAL B 160 25.46 0.71 -19.85
C VAL B 160 25.20 0.13 -18.47
N PRO B 161 25.32 -1.20 -18.25
CA PRO B 161 25.03 -1.78 -16.95
C PRO B 161 26.10 -1.44 -15.91
N PRO B 162 25.81 -1.42 -14.61
CA PRO B 162 26.76 -1.04 -13.60
C PRO B 162 28.07 -1.81 -13.67
N GLY B 163 29.13 -1.08 -13.98
CA GLY B 163 30.45 -1.67 -14.12
C GLY B 163 31.10 -1.38 -15.44
N ALA B 164 30.29 -1.25 -16.49
CA ALA B 164 30.78 -0.97 -17.81
C ALA B 164 31.27 0.47 -18.00
N PRO B 165 32.21 0.77 -18.91
CA PRO B 165 32.71 2.10 -19.13
C PRO B 165 31.64 3.10 -19.52
N VAL B 166 31.34 4.07 -18.70
CA VAL B 166 30.40 5.12 -19.09
C VAL B 166 31.04 6.03 -20.12
N PRO B 167 30.36 6.41 -21.18
CA PRO B 167 30.88 7.32 -22.17
C PRO B 167 31.16 8.70 -21.63
N GLU B 168 32.31 9.22 -22.03
CA GLU B 168 32.68 10.60 -21.76
C GLU B 168 32.54 11.61 -22.89
N LYS B 169 32.47 11.09 -24.12
CA LYS B 169 32.36 11.92 -25.32
C LYS B 169 31.37 11.29 -26.27
N TRP B 170 30.62 12.09 -27.02
CA TRP B 170 29.65 11.59 -28.00
C TRP B 170 30.24 10.55 -28.94
N ASP B 171 31.53 10.58 -29.11
CA ASP B 171 32.22 9.70 -30.02
C ASP B 171 33.37 8.88 -29.47
N ASP B 172 33.43 8.59 -28.17
CA ASP B 172 34.56 7.79 -27.72
C ASP B 172 34.42 6.28 -27.94
N TYR B 173 35.41 5.49 -27.58
CA TYR B 173 35.36 4.05 -27.86
C TYR B 173 34.20 3.27 -27.27
N THR B 174 33.59 3.78 -26.19
CA THR B 174 32.52 3.02 -25.55
C THR B 174 31.34 2.76 -26.45
N TRP B 175 31.04 3.68 -27.36
CA TRP B 175 29.91 3.50 -28.27
C TRP B 175 30.04 2.35 -29.27
N GLN B 176 31.18 1.65 -29.28
CA GLN B 176 31.34 0.42 -30.05
C GLN B 176 30.36 -0.67 -29.63
N THR B 177 29.89 -0.63 -28.38
CA THR B 177 28.94 -1.58 -27.83
C THR B 177 29.16 -3.06 -28.13
N SER B 178 30.38 -3.54 -27.96
CA SER B 178 30.61 -4.94 -28.32
C SER B 178 29.78 -5.90 -27.48
N SER B 179 29.54 -5.49 -26.23
CA SER B 179 28.73 -6.34 -25.38
C SER B 179 27.50 -5.66 -24.82
N ASN B 180 27.51 -4.38 -24.54
CA ASN B 180 26.30 -3.66 -24.14
C ASN B 180 25.23 -3.67 -25.25
N PRO B 181 23.95 -3.75 -24.92
CA PRO B 181 22.88 -3.70 -25.88
C PRO B 181 22.67 -2.25 -26.33
N SER B 182 22.62 -2.02 -27.62
CA SER B 182 22.30 -0.71 -28.17
C SER B 182 21.15 -0.72 -29.16
N ILE B 183 20.38 0.35 -29.23
CA ILE B 183 19.34 0.49 -30.24
C ILE B 183 19.74 1.61 -31.18
N PHE B 184 19.78 1.35 -32.47
CA PHE B 184 19.99 2.42 -33.43
C PHE B 184 18.65 2.79 -34.06
N TYR B 185 18.18 3.94 -33.62
CA TYR B 185 16.91 4.48 -34.05
C TYR B 185 16.99 5.51 -35.18
N THR B 186 16.25 5.28 -36.24
CA THR B 186 16.17 6.24 -37.33
C THR B 186 15.04 7.24 -37.13
N TYR B 187 15.31 8.53 -37.18
CA TYR B 187 14.27 9.53 -37.02
C TYR B 187 13.12 9.39 -38.02
N GLY B 188 11.90 9.60 -37.51
CA GLY B 188 10.73 9.53 -38.36
C GLY B 188 10.15 8.13 -38.51
N THR B 189 10.84 7.10 -38.04
CA THR B 189 10.27 5.76 -38.07
C THR B 189 9.42 5.56 -36.81
N ALA B 190 8.65 4.47 -36.79
CA ALA B 190 7.84 4.13 -35.63
C ALA B 190 8.64 4.16 -34.35
N PRO B 191 8.16 4.64 -33.19
CA PRO B 191 8.94 4.62 -31.98
C PRO B 191 9.55 3.27 -31.65
N ALA B 192 10.79 3.33 -31.19
CA ALA B 192 11.56 2.15 -30.84
C ALA B 192 11.05 1.40 -29.61
N ARG B 193 11.22 0.10 -29.56
CA ARG B 193 10.75 -0.68 -28.44
C ARG B 193 11.51 -1.96 -28.22
N ILE B 194 11.85 -2.20 -26.96
CA ILE B 194 12.47 -3.44 -26.55
C ILE B 194 11.83 -3.93 -25.24
N SER B 195 12.07 -5.20 -24.98
CA SER B 195 11.66 -5.84 -23.73
C SER B 195 12.84 -6.27 -22.90
N VAL B 196 12.66 -6.28 -21.58
CA VAL B 196 13.68 -6.68 -20.63
C VAL B 196 13.09 -7.64 -19.62
N PRO B 197 13.79 -8.72 -19.23
CA PRO B 197 13.28 -9.67 -18.25
C PRO B 197 13.25 -9.09 -16.85
N TYR B 198 12.83 -9.89 -15.86
CA TYR B 198 12.99 -9.46 -14.48
C TYR B 198 14.48 -9.55 -14.16
N VAL B 199 15.14 -8.43 -14.00
CA VAL B 199 16.58 -8.44 -13.78
C VAL B 199 17.10 -8.22 -12.35
N GLY B 200 16.24 -8.32 -11.36
CA GLY B 200 16.62 -8.07 -9.99
C GLY B 200 17.62 -9.06 -9.39
N ILE B 201 18.52 -8.59 -8.51
CA ILE B 201 19.37 -9.51 -7.76
C ILE B 201 18.66 -10.05 -6.51
N SER B 202 17.40 -9.64 -6.34
CA SER B 202 16.53 -10.19 -5.32
C SER B 202 15.43 -11.01 -5.93
N ASN B 203 14.58 -11.70 -5.18
CA ASN B 203 13.48 -12.45 -5.77
C ASN B 203 12.31 -11.58 -6.18
N ALA B 204 12.35 -10.32 -5.77
CA ALA B 204 11.39 -9.29 -6.16
C ALA B 204 12.04 -7.93 -6.05
N TYR B 205 11.55 -6.95 -6.79
CA TYR B 205 11.99 -5.57 -6.64
C TYR B 205 11.42 -5.01 -5.34
N SER B 206 12.18 -4.26 -4.57
CA SER B 206 11.68 -3.64 -3.35
C SER B 206 11.29 -2.19 -3.54
N HIS B 207 10.04 -1.82 -3.58
CA HIS B 207 9.64 -0.43 -3.70
C HIS B 207 10.07 0.37 -2.48
N PHE B 208 10.22 -0.32 -1.36
CA PHE B 208 10.68 0.25 -0.11
C PHE B 208 11.73 -0.64 0.55
N TYR B 209 12.80 -0.05 1.07
CA TYR B 209 13.85 -0.78 1.75
C TYR B 209 14.15 -0.13 3.07
N ASP B 210 13.60 -0.61 4.18
CA ASP B 210 13.91 -0.03 5.48
C ASP B 210 15.26 -0.42 6.08
N GLY B 211 16.30 0.14 5.48
CA GLY B 211 17.64 -0.12 5.95
C GLY B 211 18.74 0.63 5.23
N PHE B 212 19.94 0.18 5.51
CA PHE B 212 21.15 0.76 4.98
C PHE B 212 21.98 -0.25 4.22
N SER B 213 22.89 0.23 3.41
CA SER B 213 23.78 -0.69 2.70
C SER B 213 25.12 -0.90 3.38
N LYS B 214 25.25 -0.29 4.54
CA LYS B 214 26.47 -0.28 5.33
C LYS B 214 26.28 -0.35 6.83
N VAL B 215 26.99 -1.24 7.51
CA VAL B 215 26.93 -1.28 8.98
C VAL B 215 28.02 -0.38 9.56
N PRO B 216 27.67 0.70 10.25
CA PRO B 216 28.67 1.58 10.89
C PRO B 216 29.37 0.78 11.99
N LEU B 217 30.67 0.58 11.91
CA LEU B 217 31.31 -0.25 12.93
C LEU B 217 32.02 0.56 13.99
N LYS B 218 31.66 0.54 15.30
CA LYS B 218 32.36 1.33 16.35
C LYS B 218 33.88 1.54 16.14
N ASP B 219 34.51 0.35 16.18
CA ASP B 219 35.95 0.21 16.00
C ASP B 219 36.44 1.05 14.81
N GLN B 220 35.72 1.02 13.70
CA GLN B 220 36.06 1.87 12.55
C GLN B 220 35.41 3.27 12.58
N SER B 221 36.23 4.25 12.12
CA SER B 221 35.77 5.66 12.04
C SER B 221 34.35 5.90 11.46
N ALA B 222 33.63 6.88 12.02
CA ALA B 222 32.24 7.15 11.55
C ALA B 222 32.08 7.44 10.05
N ALA B 223 32.90 8.38 9.53
CA ALA B 223 32.82 8.75 8.10
C ALA B 223 32.76 7.50 7.18
N LEU B 224 33.56 6.47 7.57
CA LEU B 224 33.54 5.21 6.82
C LEU B 224 32.27 4.39 6.98
N GLY B 225 31.78 4.25 8.21
CA GLY B 225 30.55 3.48 8.43
C GLY B 225 29.28 3.99 7.70
N ASP B 226 29.29 5.28 7.30
CA ASP B 226 28.07 5.90 6.77
C ASP B 226 27.44 5.55 5.42
N SER B 227 26.12 5.74 5.31
CA SER B 227 25.38 5.54 4.06
C SER B 227 23.94 6.04 4.11
N LEU B 228 23.37 6.32 2.92
CA LEU B 228 22.00 6.80 2.82
C LEU B 228 20.89 5.89 3.31
N TYR B 229 19.96 6.51 4.03
CA TYR B 229 18.82 5.75 4.54
C TYR B 229 17.86 5.25 3.45
N GLY B 230 17.60 3.95 3.41
CA GLY B 230 16.65 3.41 2.42
C GLY B 230 17.24 3.11 1.05
N ALA B 231 18.53 3.40 0.86
CA ALA B 231 19.22 3.10 -0.40
C ALA B 231 19.98 1.78 -0.36
N ALA B 232 19.76 0.88 -1.32
CA ALA B 232 20.51 -0.38 -1.37
C ALA B 232 21.72 -0.26 -2.27
N SER B 233 21.85 -0.86 -3.44
CA SER B 233 23.07 -0.68 -4.23
C SER B 233 23.14 0.69 -4.89
N LEU B 234 24.12 1.52 -4.52
CA LEU B 234 24.38 2.83 -5.17
C LEU B 234 24.00 3.01 -6.65
N ASN B 235 24.20 1.90 -7.39
CA ASN B 235 23.84 1.82 -8.78
C ASN B 235 23.06 0.54 -9.12
N ASP B 236 21.77 0.59 -8.80
CA ASP B 236 20.86 -0.47 -9.19
C ASP B 236 20.94 -1.11 -10.56
N PHE B 237 20.52 -0.38 -11.57
CA PHE B 237 20.31 -0.92 -12.90
C PHE B 237 21.13 -0.24 -13.98
N GLY B 238 22.12 0.55 -13.60
CA GLY B 238 22.94 1.24 -14.60
C GLY B 238 22.21 2.37 -15.30
N ILE B 239 22.75 2.73 -16.46
CA ILE B 239 22.25 3.89 -17.17
C ILE B 239 21.98 3.72 -18.66
N LEU B 240 21.16 4.62 -19.18
CA LEU B 240 20.98 4.74 -20.61
C LEU B 240 21.82 5.90 -21.12
N ALA B 241 22.58 5.70 -22.18
CA ALA B 241 23.35 6.76 -22.79
C ALA B 241 22.92 6.94 -24.23
N VAL B 242 22.42 8.12 -24.56
CA VAL B 242 21.93 8.41 -25.88
C VAL B 242 22.77 9.44 -26.62
N ARG B 243 22.97 9.20 -27.91
CA ARG B 243 23.70 10.14 -28.73
C ARG B 243 23.15 10.26 -30.15
N VAL B 244 23.51 11.32 -30.85
CA VAL B 244 23.20 11.44 -32.25
C VAL B 244 24.41 10.94 -33.02
N VAL B 245 24.24 9.90 -33.81
CA VAL B 245 25.36 9.29 -34.53
C VAL B 245 25.93 10.18 -35.63
N ASN B 246 25.07 10.94 -36.28
CA ASN B 246 25.49 11.84 -37.33
C ASN B 246 26.52 12.84 -36.88
N ASP B 247 27.48 13.12 -37.75
CA ASP B 247 28.38 14.24 -37.48
C ASP B 247 27.59 15.54 -37.49
N HIS B 248 27.99 16.57 -36.77
CA HIS B 248 27.13 17.75 -36.76
C HIS B 248 26.96 18.54 -38.04
N ASN B 249 25.74 19.00 -38.24
CA ASN B 249 25.45 19.97 -39.29
C ASN B 249 25.91 21.36 -38.89
N PRO B 250 26.08 22.32 -39.80
CA PRO B 250 26.31 23.73 -39.46
C PRO B 250 25.12 24.23 -38.66
N THR B 251 23.92 23.89 -39.11
CA THR B 251 22.70 24.20 -38.37
C THR B 251 22.52 23.36 -37.13
N LYS B 252 22.04 23.96 -36.04
CA LYS B 252 21.83 23.17 -34.82
C LYS B 252 20.44 22.58 -34.63
N VAL B 253 20.43 21.28 -34.36
CA VAL B 253 19.20 20.55 -34.09
C VAL B 253 19.20 19.95 -32.69
N THR B 254 18.18 20.24 -31.91
CA THR B 254 18.03 19.61 -30.61
C THR B 254 16.98 18.53 -30.67
N SER B 255 17.28 17.43 -30.01
CA SER B 255 16.36 16.33 -29.93
C SER B 255 16.08 15.89 -28.51
N LYS B 256 14.85 15.44 -28.31
CA LYS B 256 14.43 14.86 -27.06
C LYS B 256 13.92 13.43 -27.18
N ILE B 257 14.29 12.61 -26.23
CA ILE B 257 13.91 11.22 -26.19
C ILE B 257 13.05 10.96 -24.97
N ARG B 258 11.79 10.72 -25.17
CA ARG B 258 10.88 10.38 -24.10
C ARG B 258 10.80 8.87 -23.94
N VAL B 259 11.00 8.40 -22.72
CA VAL B 259 10.96 6.98 -22.42
C VAL B 259 9.69 6.54 -21.72
N TYR B 260 9.01 5.59 -22.33
CA TYR B 260 7.78 5.05 -21.77
C TYR B 260 7.98 3.65 -21.26
N LEU B 261 7.62 3.46 -20.00
CA LEU B 261 7.77 2.20 -19.33
C LEU B 261 6.46 1.50 -19.05
N LYS B 262 6.42 0.23 -19.41
CA LYS B 262 5.27 -0.61 -19.08
C LYS B 262 5.65 -1.93 -18.42
N PRO B 263 5.22 -2.16 -17.18
CA PRO B 263 5.40 -3.44 -16.51
C PRO B 263 4.57 -4.55 -17.12
N LYS B 264 5.09 -5.53 -17.81
CA LYS B 264 4.26 -6.64 -18.24
C LYS B 264 4.53 -7.87 -17.38
N HIS B 265 3.54 -8.76 -17.31
CA HIS B 265 3.61 -10.02 -16.56
C HIS B 265 3.97 -9.78 -15.11
N ILE B 266 3.22 -8.87 -14.53
CA ILE B 266 3.50 -8.39 -13.20
C ILE B 266 2.81 -9.07 -12.02
N ARG B 267 3.59 -9.20 -10.96
CA ARG B 267 3.11 -9.68 -9.69
C ARG B 267 3.49 -8.73 -8.58
N VAL B 268 2.60 -8.55 -7.62
CA VAL B 268 2.82 -7.63 -6.51
C VAL B 268 2.47 -8.21 -5.15
N TRP B 269 3.22 -7.78 -4.15
CA TRP B 269 2.98 -8.20 -2.77
C TRP B 269 2.95 -7.06 -1.74
N CYS B 270 2.25 -7.30 -0.63
CA CYS B 270 2.07 -6.43 0.54
C CYS B 270 1.58 -5.01 0.27
N PRO B 271 0.26 -4.82 0.22
CA PRO B 271 -0.35 -3.55 -0.12
C PRO B 271 -0.04 -2.42 0.85
N ARG B 272 0.03 -1.21 0.35
CA ARG B 272 0.32 -0.05 1.15
C ARG B 272 -0.69 1.05 0.86
N PRO B 273 -1.00 1.94 1.81
CA PRO B 273 -1.71 3.18 1.53
C PRO B 273 -0.98 4.00 0.48
N PRO B 274 -1.69 4.63 -0.45
CA PRO B 274 -1.10 5.44 -1.50
C PRO B 274 -0.45 6.71 -0.98
N ARG B 275 0.51 7.25 -1.71
CA ARG B 275 1.14 8.51 -1.37
C ARG B 275 0.11 9.63 -1.33
N ALA B 276 -0.01 10.28 -0.17
CA ALA B 276 -0.99 11.34 -0.01
C ALA B 276 -0.48 12.75 -0.13
N VAL B 277 0.82 12.95 0.02
CA VAL B 277 1.42 14.27 -0.11
C VAL B 277 2.52 14.24 -1.14
N ALA B 278 2.86 15.37 -1.74
CA ALA B 278 3.87 15.43 -2.79
C ALA B 278 5.17 14.71 -2.54
N TYR B 279 5.61 13.96 -3.52
CA TYR B 279 6.91 13.32 -3.44
C TYR B 279 8.00 14.36 -3.27
N TYR B 280 9.00 14.04 -2.46
CA TYR B 280 10.13 14.89 -2.20
C TYR B 280 11.38 14.03 -2.14
N GLY B 281 11.91 13.75 -3.31
CA GLY B 281 13.09 12.93 -3.44
C GLY B 281 12.79 11.46 -3.70
N PRO B 282 13.80 10.60 -3.82
CA PRO B 282 13.63 9.18 -4.08
C PRO B 282 13.10 8.38 -2.90
N GLY B 283 13.02 8.97 -1.72
CA GLY B 283 12.53 8.28 -0.55
C GLY B 283 11.15 8.68 -0.14
N VAL B 284 10.80 8.38 1.10
CA VAL B 284 9.48 8.72 1.63
C VAL B 284 9.38 10.14 2.21
N ASP B 285 10.47 10.89 2.14
CA ASP B 285 10.53 12.22 2.71
C ASP B 285 9.49 13.20 2.22
N TYR B 286 9.03 14.01 3.11
CA TYR B 286 8.08 15.03 2.75
C TYR B 286 8.57 16.39 3.20
N LYS B 287 8.27 17.33 2.34
CA LYS B 287 8.67 18.70 2.54
C LYS B 287 7.64 19.58 3.22
N ASP B 288 8.14 20.48 4.05
CA ASP B 288 7.27 21.45 4.72
C ASP B 288 6.33 22.20 3.81
N GLY B 289 5.15 22.52 4.32
CA GLY B 289 4.19 23.25 3.48
C GLY B 289 3.50 22.40 2.43
N THR B 290 3.73 21.09 2.37
CA THR B 290 2.99 20.25 1.42
C THR B 290 2.15 19.22 2.14
N LEU B 291 2.07 19.35 3.46
CA LEU B 291 1.46 18.35 4.29
C LEU B 291 -0.01 18.48 4.65
N THR B 292 -0.75 19.41 4.10
CA THR B 292 -2.19 19.52 4.35
C THR B 292 -3.09 19.23 3.14
N PRO B 293 -3.17 17.99 2.70
CA PRO B 293 -3.90 17.55 1.51
C PRO B 293 -5.41 17.74 1.57
N LEU B 294 -6.03 17.25 2.62
CA LEU B 294 -7.49 17.31 2.73
C LEU B 294 -8.03 18.72 2.85
N SER B 295 -9.24 18.93 2.40
CA SER B 295 -9.84 20.27 2.47
C SER B 295 -11.00 20.40 3.44
N THR B 296 -11.30 21.62 3.86
CA THR B 296 -12.45 21.90 4.70
C THR B 296 -13.77 21.34 4.21
N LYS B 297 -14.51 20.73 5.14
CA LYS B 297 -15.83 20.18 4.93
C LYS B 297 -16.48 19.80 6.26
N ASP B 298 -17.55 20.50 6.63
CA ASP B 298 -18.14 20.24 7.92
C ASP B 298 -18.85 18.95 8.21
N LEU B 299 -18.69 18.47 9.45
CA LEU B 299 -19.27 17.21 9.90
C LEU B 299 -20.73 16.91 9.50
N THR B 300 -21.57 17.91 9.54
CA THR B 300 -22.96 17.73 9.19
C THR B 300 -23.40 18.42 7.91
N THR B 301 -22.50 18.51 6.97
CA THR B 301 -22.82 19.09 5.66
C THR B 301 -22.74 18.02 4.59
N TYR B 302 -23.81 17.73 3.89
CA TYR B 302 -23.75 16.78 2.81
C TYR B 302 -22.82 17.29 1.70
N GLU C 5 -17.79 -22.21 23.05
CA GLU C 5 -17.77 -23.44 23.82
C GLU C 5 -18.62 -23.68 25.10
N ALA C 6 -19.70 -24.57 24.97
CA ALA C 6 -20.42 -25.10 26.19
C ALA C 6 -19.43 -25.56 27.31
N CYS C 7 -18.34 -26.37 27.05
CA CYS C 7 -17.31 -26.54 28.13
C CYS C 7 -16.38 -25.36 28.47
N GLY C 8 -16.76 -24.05 28.26
CA GLY C 8 -15.99 -22.91 28.76
C GLY C 8 -15.19 -22.03 27.79
N TYR C 9 -14.36 -22.61 26.92
CA TYR C 9 -13.44 -21.87 26.03
C TYR C 9 -13.90 -20.61 25.26
N SER C 10 -13.05 -19.60 25.13
CA SER C 10 -13.41 -18.31 24.48
C SER C 10 -12.30 -17.54 23.76
N ASP C 11 -12.75 -16.77 22.80
CA ASP C 11 -11.92 -15.84 22.02
C ASP C 11 -11.07 -14.82 22.74
N ARG C 12 -11.63 -14.44 23.90
CA ARG C 12 -11.07 -13.41 24.76
C ARG C 12 -10.01 -13.92 25.72
N VAL C 13 -9.97 -15.23 25.92
CA VAL C 13 -9.04 -15.79 26.88
C VAL C 13 -8.01 -16.69 26.24
N LEU C 14 -6.77 -16.24 26.19
CA LEU C 14 -5.72 -17.02 25.57
C LEU C 14 -4.52 -17.27 26.45
N GLN C 15 -3.84 -18.37 26.13
CA GLN C 15 -2.54 -18.65 26.72
C GLN C 15 -1.54 -18.94 25.59
N LEU C 16 -0.44 -18.19 25.61
CA LEU C 16 0.62 -18.38 24.63
C LEU C 16 1.87 -18.86 25.34
N THR C 17 2.48 -19.91 24.81
CA THR C 17 3.73 -20.40 25.39
C THR C 17 4.78 -20.62 24.34
N LEU C 18 5.92 -20.02 24.59
CA LEU C 18 7.08 -20.15 23.74
C LEU C 18 8.30 -20.28 24.63
N GLY C 19 9.03 -21.39 24.59
CA GLY C 19 10.23 -21.56 25.39
C GLY C 19 9.93 -21.63 26.87
N ASN C 20 10.65 -20.92 27.73
CA ASN C 20 10.32 -20.89 29.16
C ASN C 20 9.36 -19.78 29.55
N SER C 21 8.67 -19.21 28.57
CA SER C 21 7.73 -18.13 28.82
C SER C 21 6.29 -18.34 28.40
N THR C 22 5.41 -18.05 29.34
CA THR C 22 3.98 -18.15 29.12
C THR C 22 3.26 -16.81 29.31
N ILE C 23 2.39 -16.41 28.39
CA ILE C 23 1.54 -15.24 28.52
C ILE C 23 0.08 -15.67 28.68
N THR C 24 -0.62 -15.07 29.62
CA THR C 24 -2.05 -15.26 29.71
C THR C 24 -2.78 -13.95 29.48
N THR C 25 -3.96 -14.06 28.92
CA THR C 25 -4.83 -12.90 28.75
C THR C 25 -6.29 -13.31 28.87
N GLN C 26 -7.04 -12.57 29.66
CA GLN C 26 -8.46 -12.81 29.83
C GLN C 26 -9.33 -11.84 29.04
N GLU C 27 -8.74 -10.89 28.31
CA GLU C 27 -9.49 -9.88 27.53
C GLU C 27 -8.90 -9.53 26.17
N ALA C 28 -8.70 -10.58 25.38
CA ALA C 28 -8.22 -10.46 24.01
C ALA C 28 -9.33 -10.25 23.00
N ALA C 29 -8.99 -9.77 21.82
CA ALA C 29 -9.94 -9.66 20.72
C ALA C 29 -9.44 -10.55 19.60
N ASN C 30 -9.22 -11.83 19.93
CA ASN C 30 -8.64 -12.82 19.03
C ASN C 30 -7.17 -12.50 18.73
N SER C 31 -6.59 -13.22 17.79
CA SER C 31 -5.21 -13.03 17.35
C SER C 31 -5.14 -12.77 15.86
N VAL C 32 -4.13 -12.07 15.38
CA VAL C 32 -3.98 -11.88 13.95
C VAL C 32 -2.76 -12.56 13.38
N VAL C 33 -2.89 -13.27 12.28
CA VAL C 33 -1.74 -13.84 11.61
C VAL C 33 -1.54 -13.07 10.31
N ALA C 34 -0.50 -12.25 10.25
CA ALA C 34 -0.26 -11.39 9.11
C ALA C 34 -0.26 -12.07 7.75
N TYR C 35 -1.15 -11.57 6.89
CA TYR C 35 -1.32 -12.10 5.56
C TYR C 35 -1.67 -13.57 5.55
N GLY C 36 -2.17 -14.05 6.67
CA GLY C 36 -2.51 -15.45 6.89
C GLY C 36 -1.33 -16.38 6.79
N ARG C 37 -0.12 -15.94 7.03
CA ARG C 37 1.04 -16.79 6.94
C ARG C 37 1.74 -16.96 8.27
N TRP C 38 1.81 -18.19 8.75
CA TRP C 38 2.48 -18.46 10.02
C TRP C 38 3.98 -18.48 9.78
N PRO C 39 4.83 -17.97 10.69
CA PRO C 39 6.28 -18.10 10.56
C PRO C 39 6.76 -19.50 10.27
N GLU C 40 7.80 -19.58 9.49
CA GLU C 40 8.36 -20.85 9.10
C GLU C 40 9.87 -20.81 8.83
N TYR C 41 10.53 -21.94 8.85
CA TYR C 41 11.92 -21.98 8.46
C TYR C 41 12.13 -21.97 6.95
N LEU C 42 13.29 -21.48 6.53
CA LEU C 42 13.64 -21.51 5.12
C LEU C 42 13.74 -22.89 4.48
N ARG C 43 12.88 -23.07 3.51
CA ARG C 43 12.80 -24.24 2.65
C ARG C 43 13.98 -24.47 1.71
N ASP C 44 14.39 -25.69 1.44
CA ASP C 44 15.49 -25.94 0.50
C ASP C 44 15.36 -25.36 -0.90
N SER C 45 14.15 -25.39 -1.44
CA SER C 45 13.84 -24.78 -2.74
C SER C 45 14.04 -23.29 -2.76
N GLU C 46 13.89 -22.64 -1.62
CA GLU C 46 14.10 -21.22 -1.57
C GLU C 46 15.41 -20.82 -0.92
N ALA C 47 16.18 -21.78 -0.42
CA ALA C 47 17.44 -21.47 0.22
C ALA C 47 18.48 -20.78 -0.64
N ASN C 48 19.39 -20.01 -0.04
CA ASN C 48 20.40 -19.35 -0.83
C ASN C 48 21.82 -19.55 -0.25
N PRO C 49 22.21 -19.10 0.95
CA PRO C 49 23.51 -19.37 1.55
C PRO C 49 23.70 -20.88 1.74
N VAL C 50 24.78 -21.47 1.29
CA VAL C 50 24.96 -22.91 1.36
C VAL C 50 25.41 -23.53 2.68
N ASP C 51 25.87 -22.74 3.62
CA ASP C 51 26.29 -23.27 4.91
C ASP C 51 25.18 -23.68 5.87
N GLN C 52 25.48 -24.67 6.69
CA GLN C 52 24.63 -25.15 7.75
C GLN C 52 24.19 -24.00 8.65
N PRO C 53 22.90 -23.68 8.69
CA PRO C 53 22.36 -22.62 9.51
C PRO C 53 22.45 -22.88 10.99
N THR C 54 22.49 -21.81 11.77
CA THR C 54 22.36 -21.88 13.21
C THR C 54 20.89 -21.68 13.52
N GLU C 55 20.30 -22.56 14.31
CA GLU C 55 18.93 -22.40 14.74
C GLU C 55 18.78 -22.44 16.26
N PRO C 56 18.73 -21.28 16.89
CA PRO C 56 18.79 -21.19 18.35
C PRO C 56 17.62 -21.80 19.11
N ASP C 57 16.47 -21.97 18.45
CA ASP C 57 15.27 -22.53 19.01
C ASP C 57 14.85 -21.94 20.36
N VAL C 58 14.54 -22.67 21.44
CA VAL C 58 14.08 -22.11 22.71
C VAL C 58 14.93 -21.02 23.32
N ALA C 59 16.25 -21.04 23.09
CA ALA C 59 17.15 -20.05 23.60
C ALA C 59 16.87 -18.63 23.08
N ALA C 60 16.39 -18.54 21.86
CA ALA C 60 16.08 -17.25 21.26
C ALA C 60 14.61 -17.04 20.94
N CYS C 61 13.86 -18.11 20.73
CA CYS C 61 12.45 -18.04 20.43
C CYS C 61 11.56 -18.17 21.65
N ARG C 62 11.63 -17.08 22.39
CA ARG C 62 10.93 -16.89 23.65
C ARG C 62 10.45 -15.44 23.76
N PHE C 63 9.64 -15.13 24.75
CA PHE C 63 9.16 -13.77 24.94
C PHE C 63 10.06 -12.80 25.70
N TYR C 64 10.52 -11.78 24.98
CA TYR C 64 11.28 -10.69 25.59
C TYR C 64 10.41 -9.48 25.85
N THR C 65 10.32 -8.99 27.07
CA THR C 65 9.54 -7.78 27.37
C THR C 65 10.39 -6.54 27.28
N LEU C 66 10.00 -5.57 26.44
CA LEU C 66 10.75 -4.32 26.33
C LEU C 66 10.35 -3.29 27.38
N ASP C 67 10.96 -2.12 27.43
CA ASP C 67 10.57 -1.12 28.42
C ASP C 67 9.17 -0.58 28.31
N THR C 68 8.43 -0.65 29.40
CA THR C 68 7.07 -0.11 29.44
C THR C 68 7.03 1.39 29.18
N VAL C 69 6.22 1.82 28.23
CA VAL C 69 6.04 3.24 27.98
C VAL C 69 4.73 3.72 28.58
N SER C 70 4.48 5.01 28.63
CA SER C 70 3.27 5.52 29.24
C SER C 70 2.37 6.38 28.35
N TRP C 71 1.13 5.98 28.26
CA TRP C 71 0.10 6.64 27.48
C TRP C 71 -0.61 7.73 28.26
N THR C 72 -0.64 8.90 27.66
CA THR C 72 -1.33 10.04 28.26
C THR C 72 -2.16 10.81 27.24
N LYS C 73 -2.89 11.81 27.74
CA LYS C 73 -3.69 12.66 26.88
C LYS C 73 -2.84 13.37 25.85
N GLU C 74 -1.54 13.57 26.08
CA GLU C 74 -0.78 14.20 25.03
C GLU C 74 0.00 13.27 24.13
N SER C 75 0.01 11.97 24.35
CA SER C 75 0.75 11.03 23.51
C SER C 75 0.36 11.09 22.05
N ARG C 76 1.29 11.15 21.12
CA ARG C 76 0.92 11.11 19.70
C ARG C 76 1.17 9.74 19.08
N GLY C 77 1.99 8.93 19.71
CA GLY C 77 2.23 7.59 19.20
C GLY C 77 3.65 7.11 19.35
N TRP C 78 3.83 5.81 19.18
CA TRP C 78 5.14 5.19 19.32
C TRP C 78 5.50 4.25 18.19
N TRP C 79 6.76 4.09 17.88
CA TRP C 79 7.17 3.11 16.89
C TRP C 79 8.40 2.31 17.24
N TRP C 80 8.51 1.12 16.67
CA TRP C 80 9.66 0.24 16.86
C TRP C 80 9.98 -0.48 15.57
N LYS C 81 11.20 -0.96 15.39
CA LYS C 81 11.54 -1.74 14.21
C LYS C 81 12.06 -3.11 14.58
N LEU C 82 11.78 -4.13 13.79
CA LEU C 82 12.28 -5.46 14.04
C LEU C 82 13.19 -5.88 12.91
N PRO C 83 14.32 -6.55 13.18
CA PRO C 83 14.76 -6.95 14.50
C PRO C 83 15.37 -5.96 15.48
N ASP C 84 15.61 -4.72 15.08
CA ASP C 84 16.27 -3.74 15.93
C ASP C 84 15.86 -3.65 17.40
N ALA C 85 14.57 -3.63 17.72
CA ALA C 85 14.13 -3.57 19.08
C ALA C 85 14.56 -4.72 19.98
N LEU C 86 14.93 -5.83 19.36
CA LEU C 86 15.38 -7.01 20.05
C LEU C 86 16.88 -7.23 20.00
N ARG C 87 17.64 -6.30 19.43
CA ARG C 87 19.08 -6.45 19.25
C ARG C 87 19.89 -6.74 20.49
N ASP C 88 19.40 -6.34 21.65
CA ASP C 88 20.08 -6.64 22.91
C ASP C 88 19.42 -7.67 23.78
N MET C 89 18.43 -8.33 23.23
CA MET C 89 17.68 -9.32 23.96
C MET C 89 18.29 -10.72 23.97
N GLY C 90 18.96 -11.02 25.08
CA GLY C 90 19.57 -12.30 25.39
C GLY C 90 20.31 -13.00 24.27
N LEU C 91 20.06 -14.29 24.14
CA LEU C 91 20.70 -15.07 23.10
C LEU C 91 20.19 -14.80 21.68
N PHE C 92 19.07 -14.11 21.51
CA PHE C 92 18.64 -13.69 20.18
C PHE C 92 19.61 -12.63 19.62
N GLY C 93 19.85 -11.58 20.39
CA GLY C 93 20.78 -10.52 19.97
C GLY C 93 22.19 -11.02 19.66
N GLN C 94 22.68 -11.97 20.45
CA GLN C 94 23.99 -12.56 20.25
C GLN C 94 24.12 -13.34 18.96
N ASN C 95 23.15 -14.23 18.72
CA ASN C 95 23.12 -14.93 17.45
C ASN C 95 23.01 -13.97 16.28
N MET C 96 22.23 -12.91 16.45
CA MET C 96 22.12 -11.84 15.46
C MET C 96 23.42 -11.17 15.11
N TYR C 97 24.22 -10.75 16.08
CA TYR C 97 25.48 -10.09 15.78
C TYR C 97 26.66 -10.93 15.36
N TYR C 98 26.63 -12.22 15.66
CA TYR C 98 27.69 -13.14 15.25
C TYR C 98 27.61 -13.64 13.81
N HIS C 99 26.43 -13.51 13.22
CA HIS C 99 26.18 -13.96 11.85
C HIS C 99 25.95 -12.83 10.88
N TYR C 100 26.40 -12.99 9.65
CA TYR C 100 26.13 -12.05 8.57
C TYR C 100 24.66 -12.01 8.20
N LEU C 101 24.05 -13.18 8.10
CA LEU C 101 22.66 -13.30 7.69
C LEU C 101 21.75 -13.87 8.76
N GLY C 102 20.49 -13.48 8.72
CA GLY C 102 19.50 -13.99 9.66
C GLY C 102 18.08 -13.73 9.23
N ARG C 103 17.15 -14.59 9.63
CA ARG C 103 15.74 -14.35 9.39
C ARG C 103 14.90 -14.77 10.56
N SER C 104 13.82 -14.04 10.79
CA SER C 104 12.93 -14.31 11.91
C SER C 104 11.51 -13.82 11.71
N GLY C 105 10.59 -14.55 12.31
CA GLY C 105 9.22 -14.13 12.42
C GLY C 105 9.02 -13.69 13.85
N TYR C 106 7.85 -13.22 14.24
CA TYR C 106 7.66 -12.70 15.59
C TYR C 106 6.25 -12.87 16.07
N THR C 107 6.05 -13.13 17.35
CA THR C 107 4.73 -12.95 17.96
C THR C 107 4.86 -11.66 18.73
N VAL C 108 4.05 -10.68 18.38
CA VAL C 108 4.00 -9.39 19.06
C VAL C 108 2.78 -9.31 19.96
N HIS C 109 3.03 -9.13 21.24
CA HIS C 109 1.96 -8.99 22.21
C HIS C 109 1.97 -7.65 22.92
N VAL C 110 1.06 -6.77 22.52
CA VAL C 110 0.95 -5.46 23.13
C VAL C 110 -0.04 -5.50 24.29
N GLN C 111 0.39 -5.01 25.43
CA GLN C 111 -0.35 -5.04 26.69
C GLN C 111 -0.75 -3.66 27.22
N CYS C 112 -2.03 -3.43 27.42
CA CYS C 112 -2.53 -2.17 27.95
C CYS C 112 -3.87 -2.31 28.62
N ASN C 113 -3.90 -2.46 29.94
CA ASN C 113 -5.15 -2.56 30.65
C ASN C 113 -5.51 -1.25 31.33
N ALA C 114 -6.76 -1.10 31.69
CA ALA C 114 -7.24 0.12 32.30
C ALA C 114 -8.43 -0.14 33.21
N SER C 115 -9.63 0.36 32.95
CA SER C 115 -10.77 0.06 33.81
C SER C 115 -12.03 0.33 33.03
N LYS C 116 -13.14 -0.24 33.50
CA LYS C 116 -14.45 -0.02 32.91
C LYS C 116 -14.94 1.42 32.79
N PHE C 117 -14.22 2.32 33.44
CA PHE C 117 -14.49 3.74 33.45
C PHE C 117 -13.51 4.59 32.67
N HIS C 118 -12.49 3.97 32.10
CA HIS C 118 -11.59 4.65 31.19
C HIS C 118 -12.10 4.49 29.76
N GLN C 119 -11.55 5.25 28.84
CA GLN C 119 -11.84 5.06 27.44
C GLN C 119 -10.66 5.50 26.59
N GLY C 120 -10.62 4.97 25.38
CA GLY C 120 -9.55 5.25 24.47
C GLY C 120 -9.28 4.06 23.58
N ALA C 121 -8.63 4.31 22.44
CA ALA C 121 -8.38 3.28 21.48
C ALA C 121 -7.02 3.42 20.80
N LEU C 122 -6.21 2.39 20.95
CA LEU C 122 -4.92 2.33 20.30
C LEU C 122 -4.93 1.49 19.03
N GLY C 123 -4.44 2.03 17.93
CA GLY C 123 -4.25 1.32 16.70
C GLY C 123 -2.87 0.67 16.68
N VAL C 124 -2.80 -0.66 16.58
CA VAL C 124 -1.53 -1.37 16.52
C VAL C 124 -1.30 -1.93 15.13
N PHE C 125 -0.29 -1.41 14.46
CA PHE C 125 0.02 -1.73 13.09
C PHE C 125 1.35 -2.39 12.84
N ALA C 126 1.37 -3.48 12.11
CA ALA C 126 2.60 -4.10 11.70
C ALA C 126 2.84 -3.78 10.22
N VAL C 127 3.83 -2.95 9.99
CA VAL C 127 4.16 -2.46 8.65
C VAL C 127 5.43 -3.08 8.06
N PRO C 128 5.32 -3.78 6.93
CA PRO C 128 6.44 -4.36 6.20
C PRO C 128 7.29 -3.22 5.64
N GLU C 129 8.62 -3.23 5.75
CA GLU C 129 9.47 -2.16 5.22
C GLU C 129 9.02 -0.74 5.63
N MET C 130 8.82 -0.50 6.92
CA MET C 130 8.35 0.79 7.42
C MET C 130 9.36 1.93 7.32
N CYS C 131 9.63 2.36 6.11
CA CYS C 131 10.52 3.48 5.89
C CYS C 131 9.88 4.77 6.40
N LEU C 132 10.52 5.42 7.36
CA LEU C 132 10.03 6.68 7.86
C LEU C 132 10.71 7.92 7.26
N ALA C 133 10.01 9.05 7.23
CA ALA C 133 10.53 10.32 6.73
C ALA C 133 11.47 11.08 7.66
N GLY C 134 12.49 11.70 7.07
CA GLY C 134 13.50 12.44 7.80
C GLY C 134 13.08 13.86 8.19
N ASP C 135 13.89 14.49 9.03
CA ASP C 135 13.66 15.85 9.53
C ASP C 135 14.19 16.97 8.63
N SER C 136 14.75 16.63 7.47
CA SER C 136 15.34 17.68 6.64
C SER C 136 14.58 18.08 5.40
N ASN C 137 14.56 19.37 5.17
CA ASN C 137 14.06 19.91 3.92
C ASN C 137 15.11 20.42 2.98
N THR C 138 16.37 20.09 3.25
CA THR C 138 17.42 20.52 2.33
C THR C 138 18.21 19.37 1.76
N THR C 139 17.81 18.17 2.13
CA THR C 139 18.54 16.95 1.75
C THR C 139 17.67 15.76 2.12
N THR C 140 17.70 14.70 1.33
CA THR C 140 16.81 13.59 1.60
C THR C 140 17.52 12.31 1.95
N MET C 141 16.77 11.34 2.49
CA MET C 141 17.28 10.00 2.77
C MET C 141 18.57 10.04 3.62
N HIS C 142 18.53 10.96 4.55
CA HIS C 142 19.72 11.28 5.31
C HIS C 142 19.70 10.98 6.80
N THR C 143 18.62 10.37 7.33
CA THR C 143 18.63 9.97 8.73
C THR C 143 19.77 8.98 9.00
N SER C 144 20.52 9.19 10.08
CA SER C 144 21.64 8.31 10.37
C SER C 144 21.27 6.95 10.93
N TYR C 145 22.11 5.94 10.72
CA TYR C 145 21.87 4.61 11.27
C TYR C 145 21.56 4.63 12.76
N GLN C 146 22.30 5.42 13.51
CA GLN C 146 22.09 5.54 14.95
C GLN C 146 20.71 6.12 15.23
N ASN C 147 20.33 7.15 14.47
CA ASN C 147 19.01 7.72 14.66
C ASN C 147 17.85 6.88 14.18
N ALA C 148 18.12 6.05 13.20
CA ALA C 148 17.13 5.16 12.63
C ALA C 148 16.85 3.92 13.44
N ASN C 149 17.81 3.52 14.27
CA ASN C 149 17.68 2.34 15.08
C ASN C 149 17.74 2.65 16.57
N PRO C 150 16.62 2.97 17.18
CA PRO C 150 16.53 3.36 18.57
C PRO C 150 16.76 2.17 19.50
N GLY C 151 16.79 0.97 18.93
CA GLY C 151 16.78 -0.22 19.73
C GLY C 151 15.45 -0.38 20.47
N GLU C 152 15.52 -1.04 21.60
CA GLU C 152 14.33 -1.35 22.37
C GLU C 152 13.42 -0.20 22.81
N LYS C 153 14.03 0.96 22.96
CA LYS C 153 13.26 2.09 23.45
C LYS C 153 12.33 2.73 22.42
N GLY C 154 12.57 2.41 21.16
CA GLY C 154 11.75 2.93 20.07
C GLY C 154 11.79 4.43 19.88
N GLY C 155 10.91 4.88 19.03
CA GLY C 155 10.79 6.30 18.76
C GLY C 155 9.36 6.75 18.91
N THR C 156 9.03 7.98 18.56
CA THR C 156 7.66 8.45 18.69
C THR C 156 7.18 9.29 17.55
N PHE C 157 5.88 9.34 17.36
CA PHE C 157 5.31 10.24 16.38
C PHE C 157 5.12 11.61 17.00
N THR C 158 5.13 12.58 16.13
CA THR C 158 4.84 13.97 16.48
C THR C 158 3.59 14.41 15.72
N GLY C 159 2.84 15.38 16.19
CA GLY C 159 1.72 15.93 15.44
C GLY C 159 2.13 17.03 14.48
N THR C 160 3.41 17.38 14.42
CA THR C 160 3.84 18.51 13.62
C THR C 160 5.17 18.37 12.91
N PHE C 161 5.22 18.60 11.60
CA PHE C 161 6.54 18.51 10.97
C PHE C 161 7.33 19.76 11.23
N THR C 162 8.40 19.53 11.92
CA THR C 162 9.28 20.63 12.22
C THR C 162 10.72 20.36 11.76
N PRO C 163 11.09 21.03 10.69
CA PRO C 163 12.30 20.74 9.92
C PRO C 163 13.58 21.11 10.64
N ASP C 164 14.51 20.16 10.75
CA ASP C 164 15.83 20.50 11.28
C ASP C 164 16.51 21.52 10.38
N ASN C 165 16.83 22.60 11.06
CA ASN C 165 17.57 23.59 10.32
C ASN C 165 19.05 23.82 10.50
N ASN C 166 19.63 23.38 11.63
CA ASN C 166 21.10 23.46 11.81
C ASN C 166 21.81 22.78 10.64
N GLN C 167 22.01 23.51 9.54
CA GLN C 167 22.62 22.94 8.33
C GLN C 167 24.08 22.54 8.52
N THR C 168 24.74 23.26 9.46
CA THR C 168 26.15 22.99 9.71
C THR C 168 26.37 21.63 10.34
N SER C 169 25.47 21.28 11.23
CA SER C 169 25.58 20.02 11.96
C SER C 169 24.20 19.47 12.25
N PRO C 170 23.71 18.78 11.23
CA PRO C 170 22.32 18.36 11.19
C PRO C 170 21.95 17.27 12.16
N ALA C 171 20.71 17.40 12.67
CA ALA C 171 20.15 16.40 13.54
C ALA C 171 20.20 14.97 13.00
N ARG C 172 19.98 14.87 11.69
CA ARG C 172 19.97 13.62 10.96
C ARG C 172 19.06 12.56 11.54
N ARG C 173 17.86 13.00 11.84
CA ARG C 173 16.88 12.06 12.36
C ARG C 173 15.48 12.11 11.79
N PHE C 174 14.69 11.07 12.04
CA PHE C 174 13.32 10.99 11.53
C PHE C 174 12.42 12.09 12.05
N CYS C 175 11.39 12.47 11.32
CA CYS C 175 10.41 13.41 11.84
C CYS C 175 9.00 12.95 11.48
N PRO C 176 8.50 11.88 12.07
CA PRO C 176 7.30 11.17 11.67
C PRO C 176 6.01 11.79 12.16
N VAL C 177 5.31 12.45 11.25
CA VAL C 177 4.06 13.08 11.63
C VAL C 177 2.95 12.04 11.72
N ASP C 178 2.28 11.96 12.86
CA ASP C 178 1.25 10.96 13.06
C ASP C 178 0.19 10.78 12.01
N TYR C 179 -0.49 11.83 11.49
CA TYR C 179 -1.54 11.58 10.52
C TYR C 179 -1.14 11.17 9.14
N LEU C 180 0.17 11.16 8.99
CA LEU C 180 0.77 10.71 7.77
C LEU C 180 1.60 9.45 7.95
N LEU C 181 1.33 8.70 9.02
CA LEU C 181 2.04 7.47 9.39
C LEU C 181 3.55 7.61 9.32
N GLY C 182 4.03 8.84 9.53
CA GLY C 182 5.42 9.17 9.36
C GLY C 182 6.01 8.90 7.98
N ASN C 183 5.23 8.54 6.97
CA ASN C 183 5.76 8.21 5.66
C ASN C 183 5.07 8.82 4.45
N GLY C 184 4.21 9.81 4.67
CA GLY C 184 3.59 10.52 3.57
C GLY C 184 2.29 9.93 3.05
N THR C 185 1.73 9.00 3.82
CA THR C 185 0.46 8.39 3.47
C THR C 185 -0.53 8.61 4.61
N LEU C 186 -1.83 8.67 4.39
CA LEU C 186 -2.77 8.94 5.48
C LEU C 186 -3.03 7.81 6.45
N LEU C 187 -2.88 8.09 7.76
CA LEU C 187 -3.08 7.10 8.82
C LEU C 187 -4.38 6.29 8.69
N GLY C 188 -5.48 6.92 8.30
CA GLY C 188 -6.76 6.25 8.09
C GLY C 188 -6.69 5.03 7.19
N ASN C 189 -5.70 4.96 6.30
CA ASN C 189 -5.52 3.80 5.45
C ASN C 189 -4.52 2.77 5.95
N ALA C 190 -3.90 2.96 7.11
CA ALA C 190 -2.94 1.99 7.63
C ALA C 190 -3.55 0.65 7.97
N PHE C 191 -4.87 0.59 8.00
CA PHE C 191 -5.58 -0.65 8.22
C PHE C 191 -5.41 -1.65 7.08
N VAL C 192 -4.85 -1.29 5.91
CA VAL C 192 -4.52 -2.30 4.92
C VAL C 192 -3.32 -3.14 5.38
N PHE C 193 -2.60 -2.64 6.38
CA PHE C 193 -1.55 -3.40 7.04
C PHE C 193 -2.10 -4.28 8.15
N PRO C 194 -1.54 -5.47 8.42
CA PRO C 194 -1.93 -6.32 9.56
C PRO C 194 -2.01 -5.55 10.85
N HIS C 195 -3.13 -5.66 11.53
CA HIS C 195 -3.35 -4.83 12.69
C HIS C 195 -4.39 -5.35 13.66
N GLN C 196 -4.37 -4.73 14.81
CA GLN C 196 -5.44 -4.89 15.79
C GLN C 196 -5.70 -3.58 16.52
N ILE C 197 -6.90 -3.42 17.05
CA ILE C 197 -7.18 -2.23 17.83
C ILE C 197 -7.37 -2.57 19.29
N ILE C 198 -6.66 -1.90 20.17
CA ILE C 198 -6.93 -2.04 21.59
C ILE C 198 -7.90 -0.92 21.99
N ASN C 199 -9.16 -1.28 22.08
CA ASN C 199 -10.20 -0.36 22.48
C ASN C 199 -10.47 -0.68 23.94
N LEU C 200 -10.18 0.25 24.84
CA LEU C 200 -10.25 -0.04 26.27
C LEU C 200 -11.53 -0.65 26.79
N ARG C 201 -12.71 -0.34 26.25
CA ARG C 201 -13.93 -1.04 26.67
C ARG C 201 -14.06 -2.48 26.22
N THR C 202 -13.27 -2.91 25.26
CA THR C 202 -13.34 -4.25 24.69
C THR C 202 -12.20 -5.17 25.04
N ASN C 203 -10.97 -4.72 24.90
CA ASN C 203 -9.83 -5.59 25.10
C ASN C 203 -8.64 -4.92 25.74
N ASN C 204 -7.68 -5.69 26.28
CA ASN C 204 -6.52 -5.08 26.91
C ASN C 204 -5.20 -5.44 26.30
N CYS C 205 -5.29 -6.12 25.18
CA CYS C 205 -4.11 -6.57 24.48
C CYS C 205 -4.33 -6.69 23.00
N ALA C 206 -3.20 -6.67 22.30
CA ALA C 206 -3.18 -6.93 20.87
C ALA C 206 -2.13 -8.00 20.59
N THR C 207 -2.50 -8.99 19.82
CA THR C 207 -1.56 -10.05 19.46
C THR C 207 -1.42 -10.22 17.97
N LEU C 208 -0.23 -9.99 17.47
CA LEU C 208 0.05 -10.21 16.07
C LEU C 208 1.15 -11.21 15.77
N VAL C 209 0.88 -12.20 14.95
CA VAL C 209 1.88 -13.16 14.52
C VAL C 209 2.36 -12.76 13.13
N LEU C 210 3.61 -12.37 13.11
CA LEU C 210 4.28 -11.86 11.92
C LEU C 210 5.25 -12.83 11.27
N PRO C 211 5.02 -13.23 10.02
CA PRO C 211 5.93 -14.02 9.24
C PRO C 211 7.17 -13.23 8.86
N TYR C 212 8.24 -13.90 8.47
CA TYR C 212 9.36 -13.20 7.85
C TYR C 212 8.92 -12.67 6.49
N VAL C 213 9.05 -11.38 6.26
CA VAL C 213 8.69 -10.80 4.99
C VAL C 213 9.86 -10.03 4.44
N ASN C 214 10.15 -10.26 3.17
CA ASN C 214 11.23 -9.62 2.46
C ASN C 214 11.24 -10.03 1.00
N SER C 215 12.02 -9.37 0.18
CA SER C 215 12.19 -9.73 -1.22
C SER C 215 13.34 -10.70 -1.46
N LEU C 216 13.92 -11.16 -0.35
CA LEU C 216 15.02 -12.09 -0.28
C LEU C 216 14.67 -13.16 0.74
N SER C 217 15.24 -14.35 0.59
CA SER C 217 14.96 -15.43 1.52
C SER C 217 15.55 -15.22 2.89
N ILE C 218 16.70 -14.58 2.89
CA ILE C 218 17.42 -14.22 4.09
C ILE C 218 18.29 -12.98 3.79
N ASP C 219 18.53 -12.18 4.81
CA ASP C 219 19.23 -10.93 4.64
C ASP C 219 20.04 -10.53 5.87
N SER C 220 20.73 -9.41 5.76
CA SER C 220 21.41 -8.78 6.88
C SER C 220 20.48 -8.13 7.88
N MET C 221 20.40 -8.72 9.04
CA MET C 221 19.56 -8.21 10.11
C MET C 221 20.10 -6.91 10.72
N VAL C 222 21.41 -6.73 10.67
CA VAL C 222 22.02 -5.51 11.20
C VAL C 222 21.82 -4.31 10.29
N LYS C 223 21.80 -4.54 8.99
CA LYS C 223 21.58 -3.50 8.00
C LYS C 223 20.13 -3.16 7.71
N HIS C 224 19.28 -4.15 7.91
CA HIS C 224 17.91 -4.08 7.47
C HIS C 224 16.82 -4.51 8.43
N ASN C 225 15.83 -3.68 8.62
CA ASN C 225 14.65 -4.00 9.41
C ASN C 225 13.49 -4.47 8.55
N ASN C 226 12.91 -5.63 8.85
CA ASN C 226 11.84 -6.21 8.02
C ASN C 226 10.46 -5.65 8.33
N TRP C 227 10.24 -5.43 9.62
CA TRP C 227 8.97 -4.96 10.12
C TRP C 227 9.03 -3.74 11.01
N GLY C 228 8.04 -2.88 10.91
CA GLY C 228 7.86 -1.76 11.80
C GLY C 228 6.60 -1.98 12.62
N ILE C 229 6.65 -1.71 13.91
CA ILE C 229 5.48 -1.77 14.76
C ILE C 229 5.11 -0.33 15.11
N ALA C 230 3.97 0.09 14.66
CA ALA C 230 3.47 1.42 14.94
C ALA C 230 2.23 1.41 15.82
N ILE C 231 2.28 2.13 16.93
CA ILE C 231 1.16 2.24 17.83
C ILE C 231 0.72 3.68 17.93
N LEU C 232 -0.50 3.96 17.47
CA LEU C 232 -1.05 5.29 17.51
C LEU C 232 -2.41 5.42 18.19
N PRO C 233 -2.68 6.44 19.01
CA PRO C 233 -3.95 6.64 19.67
C PRO C 233 -5.05 7.02 18.70
N LEU C 234 -5.88 6.07 18.27
CA LEU C 234 -6.97 6.38 17.38
C LEU C 234 -8.01 7.23 18.09
N ALA C 235 -8.22 6.93 19.35
CA ALA C 235 -9.11 7.72 20.18
C ALA C 235 -8.40 7.98 21.51
N PRO C 236 -8.28 9.23 21.94
CA PRO C 236 -7.45 9.64 23.05
C PRO C 236 -7.85 9.12 24.41
N LEU C 237 -6.85 8.92 25.25
CA LEU C 237 -7.10 8.46 26.61
C LEU C 237 -7.97 9.43 27.39
N ASN C 238 -8.91 8.86 28.10
CA ASN C 238 -9.81 9.62 28.90
C ASN C 238 -10.32 8.87 30.11
N PHE C 239 -10.36 9.54 31.23
CA PHE C 239 -10.78 8.85 32.43
C PHE C 239 -11.55 9.74 33.36
N ALA C 240 -12.68 9.17 33.85
CA ALA C 240 -13.55 9.81 34.83
C ALA C 240 -13.67 11.30 34.59
N SER C 241 -12.77 12.08 35.16
CA SER C 241 -12.70 13.52 34.88
C SER C 241 -11.33 14.13 35.04
N GLU C 242 -10.35 13.27 35.36
CA GLU C 242 -8.98 13.71 35.61
C GLU C 242 -8.46 14.33 34.33
N SER C 243 -7.93 15.53 34.42
CA SER C 243 -7.33 16.16 33.24
C SER C 243 -6.03 15.49 32.80
N SER C 244 -5.30 14.93 33.76
CA SER C 244 -4.09 14.16 33.46
C SER C 244 -4.05 12.66 33.73
N PRO C 245 -4.90 11.85 33.08
CA PRO C 245 -4.85 10.39 33.22
C PRO C 245 -3.59 9.82 32.59
N GLU C 246 -3.22 8.65 33.07
CA GLU C 246 -2.11 7.92 32.50
C GLU C 246 -2.29 6.43 32.61
N ILE C 247 -1.96 5.68 31.56
CA ILE C 247 -1.88 4.25 31.71
C ILE C 247 -0.71 3.67 30.91
N PRO C 248 -0.07 2.63 31.42
CA PRO C 248 1.10 2.00 30.81
C PRO C 248 0.80 1.17 29.58
N ILE C 249 1.75 1.10 28.69
CA ILE C 249 1.67 0.16 27.58
C ILE C 249 2.96 -0.67 27.63
N THR C 250 2.81 -1.98 27.69
CA THR C 250 3.95 -2.86 27.63
C THR C 250 3.98 -3.73 26.38
N LEU C 251 5.11 -3.74 25.72
CA LEU C 251 5.41 -4.56 24.55
C LEU C 251 6.21 -5.82 24.87
N THR C 252 5.67 -6.99 24.58
CA THR C 252 6.43 -8.24 24.72
C THR C 252 6.52 -8.91 23.35
N ILE C 253 7.70 -9.24 22.88
CA ILE C 253 7.90 -9.81 21.55
C ILE C 253 8.75 -11.08 21.59
N ALA C 254 8.33 -12.07 20.80
CA ALA C 254 9.05 -13.32 20.68
C ALA C 254 9.50 -13.62 19.27
N PRO C 255 10.79 -13.73 18.99
CA PRO C 255 11.27 -14.27 17.74
C PRO C 255 10.74 -15.67 17.50
N MET C 256 10.41 -15.98 16.26
CA MET C 256 9.82 -17.25 15.89
C MET C 256 10.52 -17.88 14.70
N CYS C 257 10.79 -19.18 14.70
CA CYS C 257 11.47 -19.90 13.61
C CYS C 257 12.67 -19.13 13.03
N CYS C 258 13.51 -18.64 13.91
CA CYS C 258 14.64 -17.85 13.46
C CYS C 258 15.90 -18.62 13.15
N GLU C 259 16.53 -18.28 12.04
CA GLU C 259 17.74 -18.96 11.65
C GLU C 259 18.80 -18.04 11.07
N PHE C 260 20.05 -18.42 11.31
CA PHE C 260 21.17 -17.58 10.96
C PHE C 260 22.24 -18.23 10.12
N ASN C 261 22.82 -17.47 9.22
CA ASN C 261 23.86 -17.94 8.32
C ASN C 261 25.08 -17.03 8.31
N GLY C 262 26.23 -17.56 7.92
CA GLY C 262 27.45 -16.79 7.80
C GLY C 262 28.12 -16.39 9.12
N LEU C 263 28.56 -17.37 9.89
CA LEU C 263 29.21 -17.15 11.17
C LEU C 263 30.63 -16.61 11.10
N ARG C 264 30.92 -15.64 11.94
CA ARG C 264 32.24 -15.05 12.06
C ARG C 264 32.43 -14.44 13.44
N ASN C 265 33.29 -13.42 13.54
CA ASN C 265 33.46 -12.66 14.75
C ASN C 265 32.25 -11.76 15.00
N ILE C 266 32.04 -11.29 16.23
CA ILE C 266 30.87 -10.47 16.50
C ILE C 266 30.93 -9.05 15.90
N THR C 267 29.79 -8.67 15.37
CA THR C 267 29.59 -7.31 14.89
C THR C 267 29.41 -6.38 16.07
N LEU C 268 30.27 -5.37 16.16
CA LEU C 268 30.16 -4.37 17.21
C LEU C 268 29.80 -3.02 16.60
N PRO C 269 28.51 -2.75 16.44
CA PRO C 269 27.99 -1.61 15.69
C PRO C 269 28.26 -0.32 16.43
N ARG C 270 28.59 0.76 15.77
CA ARG C 270 28.56 2.02 16.49
C ARG C 270 27.10 2.49 16.64
N LEU C 271 26.50 2.25 17.80
CA LEU C 271 25.14 2.74 17.96
C LEU C 271 24.93 4.14 18.57
N GLN C 272 25.98 4.85 18.98
CA GLN C 272 25.85 6.26 19.39
C GLN C 272 26.61 7.18 18.43
N GLY D 1 9.06 -11.19 -52.02
CA GLY D 1 8.41 -11.20 -50.72
C GLY D 1 6.89 -11.33 -50.79
N LEU D 2 6.25 -11.76 -49.71
CA LEU D 2 4.79 -11.84 -49.61
C LEU D 2 4.13 -10.49 -49.81
N PRO D 3 3.20 -10.35 -50.75
CA PRO D 3 2.47 -9.11 -50.97
C PRO D 3 1.71 -8.66 -49.75
N VAL D 4 1.95 -7.48 -49.26
CA VAL D 4 1.24 -6.96 -48.08
C VAL D 4 0.72 -5.54 -48.28
N MET D 5 -0.27 -5.09 -47.53
CA MET D 5 -0.80 -3.75 -47.66
C MET D 5 -0.99 -3.13 -46.29
N ASN D 6 -0.21 -2.09 -46.02
CA ASN D 6 -0.29 -1.40 -44.73
C ASN D 6 -1.67 -0.78 -44.47
N THR D 7 -2.27 -1.12 -43.35
CA THR D 7 -3.56 -0.57 -42.97
C THR D 7 -3.40 0.65 -42.08
N PRO D 8 -4.40 1.50 -41.86
CA PRO D 8 -4.33 2.54 -40.86
C PRO D 8 -4.01 2.04 -39.45
N GLY D 9 -3.32 2.88 -38.69
CA GLY D 9 -2.81 2.53 -37.38
C GLY D 9 -1.33 2.14 -37.44
N SER D 10 -0.83 1.90 -38.65
CA SER D 10 0.55 1.54 -38.89
C SER D 10 1.59 2.50 -38.38
N ASN D 11 2.61 2.03 -37.68
CA ASN D 11 3.70 2.84 -37.11
C ASN D 11 3.28 3.70 -35.92
N GLN D 12 2.03 3.68 -35.53
CA GLN D 12 1.60 4.42 -34.36
C GLN D 12 2.01 3.78 -33.05
N TYR D 13 1.97 4.59 -32.00
CA TYR D 13 2.21 4.07 -30.68
C TYR D 13 1.06 4.34 -29.73
N LEU D 14 0.22 3.31 -29.55
CA LEU D 14 -0.84 3.35 -28.56
C LEU D 14 -0.26 2.91 -27.20
N THR D 15 -0.30 3.74 -26.18
CA THR D 15 0.26 3.38 -24.88
C THR D 15 -0.43 2.23 -24.17
N ALA D 16 -1.68 1.99 -24.56
CA ALA D 16 -2.46 0.85 -24.11
C ALA D 16 -2.34 -0.41 -24.97
N ASP D 17 -1.41 -0.43 -25.93
CA ASP D 17 -1.25 -1.59 -26.76
C ASP D 17 -0.65 -2.82 -26.07
N ASN D 18 -0.65 -3.92 -26.81
CA ASN D 18 -0.21 -5.18 -26.28
C ASN D 18 0.48 -6.08 -27.29
N PHE D 19 1.65 -5.69 -27.73
CA PHE D 19 2.39 -6.46 -28.69
C PHE D 19 3.65 -7.09 -28.13
N GLN D 20 4.25 -7.95 -28.93
CA GLN D 20 5.53 -8.53 -28.59
C GLN D 20 6.64 -7.58 -28.98
N SER D 21 7.82 -7.71 -28.40
CA SER D 21 8.96 -6.93 -28.86
C SER D 21 10.26 -7.64 -28.56
N PRO D 22 11.33 -7.39 -29.29
CA PRO D 22 12.60 -8.03 -29.09
C PRO D 22 13.19 -7.85 -27.70
N CYS D 23 13.79 -8.90 -27.16
CA CYS D 23 14.43 -8.79 -25.87
C CYS D 23 15.88 -8.30 -25.93
N ALA D 24 16.18 -7.27 -25.15
CA ALA D 24 17.52 -6.68 -25.13
C ALA D 24 18.57 -7.47 -24.35
N LEU D 25 18.17 -8.40 -23.49
CA LEU D 25 19.10 -9.23 -22.73
C LEU D 25 18.75 -10.70 -22.92
N PRO D 26 19.09 -11.28 -24.09
CA PRO D 26 18.80 -12.67 -24.42
C PRO D 26 19.45 -13.67 -23.48
N GLU D 27 18.81 -14.80 -23.22
CA GLU D 27 19.38 -15.83 -22.34
C GLU D 27 19.78 -15.43 -20.92
N PHE D 28 19.32 -14.29 -20.44
CA PHE D 28 19.53 -13.82 -19.09
C PHE D 28 19.00 -14.83 -18.09
N ASP D 29 19.83 -15.14 -17.10
CA ASP D 29 19.42 -16.05 -16.06
C ASP D 29 18.52 -15.43 -14.98
N VAL D 30 17.23 -15.52 -15.17
CA VAL D 30 16.29 -14.92 -14.24
C VAL D 30 16.27 -15.51 -12.85
N THR D 31 16.36 -14.64 -11.86
CA THR D 31 16.19 -15.04 -10.49
C THR D 31 14.73 -15.47 -10.28
N PRO D 32 14.52 -16.69 -9.81
CA PRO D 32 13.21 -17.25 -9.51
C PRO D 32 12.43 -16.51 -8.44
N PRO D 33 11.12 -16.64 -8.40
CA PRO D 33 10.32 -16.11 -7.32
C PRO D 33 10.43 -16.91 -6.05
N ILE D 34 10.22 -16.26 -4.92
CA ILE D 34 10.03 -17.00 -3.69
C ILE D 34 8.60 -16.72 -3.26
N ASP D 35 8.11 -17.42 -2.26
CA ASP D 35 6.75 -17.27 -1.84
C ASP D 35 6.58 -16.16 -0.81
N ILE D 36 6.64 -14.92 -1.27
CA ILE D 36 6.44 -13.78 -0.39
C ILE D 36 4.98 -13.73 0.07
N PRO D 37 4.73 -13.57 1.35
CA PRO D 37 3.39 -13.34 1.88
C PRO D 37 2.72 -12.07 1.43
N GLY D 38 1.40 -12.06 1.37
CA GLY D 38 0.64 -10.87 1.03
C GLY D 38 0.50 -10.55 -0.44
N GLU D 39 0.45 -11.52 -1.33
CA GLU D 39 0.23 -11.24 -2.74
C GLU D 39 -1.17 -10.78 -3.05
N VAL D 40 -1.26 -9.82 -3.97
CA VAL D 40 -2.52 -9.26 -4.41
C VAL D 40 -2.76 -9.60 -5.88
N LYS D 41 -3.98 -9.94 -6.22
CA LYS D 41 -4.34 -10.24 -7.61
C LYS D 41 -5.26 -9.23 -8.28
N ASN D 42 -6.00 -8.47 -7.49
CA ASN D 42 -6.93 -7.51 -8.04
C ASN D 42 -7.06 -6.30 -7.13
N MET D 43 -7.05 -5.08 -7.66
CA MET D 43 -7.16 -3.87 -6.86
C MET D 43 -8.41 -3.82 -5.98
N MET D 44 -9.48 -4.47 -6.41
CA MET D 44 -10.70 -4.56 -5.61
C MET D 44 -10.55 -5.29 -4.29
N GLU D 45 -9.55 -6.18 -4.18
CA GLU D 45 -9.23 -6.81 -2.91
C GLU D 45 -8.91 -5.76 -1.86
N LEU D 46 -8.23 -4.70 -2.28
CA LEU D 46 -7.87 -3.63 -1.37
C LEU D 46 -9.06 -2.80 -1.01
N ALA D 47 -9.99 -2.60 -1.94
CA ALA D 47 -11.22 -1.86 -1.65
C ALA D 47 -12.12 -2.56 -0.65
N GLU D 48 -11.98 -3.87 -0.48
CA GLU D 48 -12.79 -4.62 0.45
C GLU D 48 -12.32 -4.57 1.90
N ILE D 49 -11.15 -3.99 2.11
CA ILE D 49 -10.60 -3.78 3.43
C ILE D 49 -11.14 -2.49 4.05
N ASP D 50 -11.57 -2.53 5.29
CA ASP D 50 -11.96 -1.34 6.02
C ASP D 50 -10.92 -0.29 6.24
N THR D 51 -11.15 0.96 5.87
CA THR D 51 -10.23 2.04 6.24
C THR D 51 -11.01 3.18 6.87
N MET D 52 -10.35 3.91 7.77
CA MET D 52 -10.98 4.93 8.59
C MET D 52 -11.36 6.22 7.89
N ILE D 53 -12.60 6.61 8.00
CA ILE D 53 -13.13 7.81 7.38
C ILE D 53 -12.76 9.12 8.10
N PRO D 54 -12.20 10.14 7.43
CA PRO D 54 -11.93 11.46 8.00
C PRO D 54 -13.23 12.27 8.08
N PHE D 55 -14.21 11.86 8.85
CA PHE D 55 -15.50 12.54 8.94
C PHE D 55 -15.49 14.05 9.22
N ASP D 56 -14.60 14.47 10.11
CA ASP D 56 -14.58 15.87 10.48
C ASP D 56 -13.52 16.71 9.80
N LEU D 57 -13.78 17.11 8.55
CA LEU D 57 -12.85 17.95 7.84
C LEU D 57 -13.09 19.44 8.06
N SER D 58 -13.58 19.76 9.25
CA SER D 58 -13.76 21.16 9.64
C SER D 58 -12.40 21.87 9.67
N ALA D 59 -12.42 23.18 9.49
CA ALA D 59 -11.18 23.96 9.38
C ALA D 59 -10.09 23.75 10.40
N THR D 60 -10.41 23.66 11.68
CA THR D 60 -9.37 23.43 12.68
C THR D 60 -9.02 21.98 12.86
N LYS D 61 -9.89 21.08 12.40
CA LYS D 61 -9.63 19.65 12.57
C LYS D 61 -9.02 18.91 11.40
N LYS D 62 -9.20 19.42 10.20
CA LYS D 62 -8.68 18.75 9.03
C LYS D 62 -7.17 18.60 8.99
N ASN D 63 -6.65 17.63 8.23
CA ASN D 63 -5.22 17.34 8.17
C ASN D 63 -4.54 17.20 9.53
N THR D 64 -5.30 16.60 10.44
CA THR D 64 -4.81 16.29 11.78
C THR D 64 -5.51 15.02 12.27
N MET D 65 -5.02 14.38 13.32
CA MET D 65 -5.64 13.18 13.88
C MET D 65 -7.09 13.33 14.32
N GLU D 66 -7.48 14.55 14.68
CA GLU D 66 -8.85 14.88 15.09
C GLU D 66 -9.93 14.64 14.05
N MET D 67 -9.54 14.74 12.77
CA MET D 67 -10.50 14.56 11.68
C MET D 67 -11.16 13.19 11.62
N TYR D 68 -10.51 12.22 12.24
CA TYR D 68 -11.03 10.87 12.31
C TYR D 68 -11.99 10.63 13.46
N ARG D 69 -12.16 11.57 14.37
CA ARG D 69 -12.98 11.35 15.55
C ARG D 69 -14.34 12.02 15.56
N VAL D 70 -15.43 11.27 15.61
CA VAL D 70 -16.74 11.91 15.72
C VAL D 70 -17.12 11.91 17.18
N ARG D 71 -17.10 13.10 17.77
CA ARG D 71 -17.42 13.22 19.17
C ARG D 71 -18.91 13.22 19.51
N LEU D 72 -19.26 12.35 20.43
CA LEU D 72 -20.59 12.24 20.97
C LEU D 72 -20.65 12.67 22.42
N SER D 73 -21.86 12.84 22.98
CA SER D 73 -21.99 13.13 24.39
C SER D 73 -23.27 12.66 25.04
N ASP D 74 -23.31 12.66 26.37
CA ASP D 74 -24.50 12.19 27.08
C ASP D 74 -25.66 13.19 27.14
N LYS D 75 -25.58 14.21 26.33
CA LYS D 75 -26.63 15.21 26.23
C LYS D 75 -28.01 14.67 25.91
N PRO D 76 -29.09 15.37 26.23
CA PRO D 76 -30.44 14.92 26.01
C PRO D 76 -30.79 14.67 24.57
N HIS D 77 -31.77 13.80 24.35
CA HIS D 77 -32.19 13.45 23.01
C HIS D 77 -32.50 14.62 22.11
N THR D 78 -31.98 14.49 20.92
CA THR D 78 -32.28 15.43 19.85
C THR D 78 -32.45 14.68 18.54
N ASP D 79 -33.26 15.20 17.63
CA ASP D 79 -33.40 14.59 16.33
C ASP D 79 -32.48 15.14 15.27
N ASP D 80 -31.56 15.98 15.71
CA ASP D 80 -30.55 16.50 14.81
C ASP D 80 -29.38 15.59 14.49
N PRO D 81 -28.85 15.64 13.29
CA PRO D 81 -27.77 14.77 12.84
C PRO D 81 -26.46 14.84 13.59
N ILE D 82 -25.85 13.71 13.82
CA ILE D 82 -24.48 13.64 14.33
C ILE D 82 -23.53 13.94 13.17
N LEU D 83 -23.81 13.38 12.00
CA LEU D 83 -23.02 13.64 10.82
C LEU D 83 -23.86 13.46 9.56
N CYS D 84 -23.48 14.13 8.49
CA CYS D 84 -24.15 14.02 7.20
C CYS D 84 -23.10 13.76 6.14
N LEU D 85 -23.39 12.92 5.17
CA LEU D 85 -22.39 12.50 4.21
C LEU D 85 -23.00 12.23 2.87
N SER D 86 -22.44 12.73 1.79
CA SER D 86 -22.94 12.36 0.47
C SER D 86 -22.35 11.08 -0.08
N LEU D 87 -23.14 10.15 -0.64
CA LEU D 87 -22.57 8.93 -1.20
C LEU D 87 -21.93 9.16 -2.56
N SER D 88 -20.77 9.79 -2.50
CA SER D 88 -19.94 10.04 -3.67
C SER D 88 -18.56 9.51 -3.35
N PRO D 89 -18.38 8.18 -3.41
CA PRO D 89 -17.22 7.51 -2.84
C PRO D 89 -15.89 8.05 -3.36
N ALA D 90 -15.84 8.51 -4.60
CA ALA D 90 -14.63 9.06 -5.16
C ALA D 90 -14.45 10.58 -5.03
N SER D 91 -15.55 11.31 -4.98
CA SER D 91 -15.49 12.77 -4.94
C SER D 91 -15.77 13.48 -3.63
N ASP D 92 -16.60 12.94 -2.75
CA ASP D 92 -16.82 13.56 -1.47
C ASP D 92 -15.53 13.58 -0.64
N PRO D 93 -15.13 14.74 -0.11
CA PRO D 93 -13.87 14.95 0.61
C PRO D 93 -13.59 13.98 1.73
N ARG D 94 -14.66 13.53 2.37
CA ARG D 94 -14.57 12.54 3.43
C ARG D 94 -14.32 11.10 3.01
N LEU D 95 -14.70 10.75 1.80
CA LEU D 95 -14.49 9.40 1.27
C LEU D 95 -13.38 9.35 0.23
N SER D 96 -13.12 10.47 -0.44
CA SER D 96 -12.17 10.52 -1.55
C SER D 96 -10.75 10.09 -1.23
N HIS D 97 -10.32 10.21 0.02
CA HIS D 97 -8.97 9.78 0.36
C HIS D 97 -8.84 8.53 1.21
N THR D 98 -9.96 7.84 1.41
CA THR D 98 -9.95 6.52 2.02
C THR D 98 -9.35 5.55 1.01
N MET D 99 -8.89 4.35 1.33
CA MET D 99 -8.34 3.43 0.33
C MET D 99 -9.33 3.14 -0.80
N LEU D 100 -10.61 2.94 -0.48
CA LEU D 100 -11.66 2.83 -1.49
C LEU D 100 -11.72 4.04 -2.41
N GLY D 101 -11.74 5.24 -1.83
CA GLY D 101 -11.78 6.47 -2.60
C GLY D 101 -10.58 6.61 -3.52
N GLU D 102 -9.42 6.29 -2.98
CA GLU D 102 -8.17 6.33 -3.72
C GLU D 102 -8.11 5.43 -4.94
N ILE D 103 -8.51 4.17 -4.78
CA ILE D 103 -8.57 3.26 -5.90
C ILE D 103 -9.61 3.73 -6.91
N LEU D 104 -10.75 4.22 -6.44
CA LEU D 104 -11.77 4.77 -7.32
C LEU D 104 -11.33 5.95 -8.17
N ASN D 105 -10.33 6.71 -7.75
CA ASN D 105 -9.81 7.80 -8.56
C ASN D 105 -8.83 7.40 -9.64
N TYR D 106 -8.62 6.12 -9.82
CA TYR D 106 -7.88 5.60 -10.96
C TYR D 106 -8.84 4.99 -11.99
N TYR D 107 -10.13 5.10 -11.75
CA TYR D 107 -11.14 4.57 -12.62
C TYR D 107 -12.24 5.61 -12.87
N THR D 108 -12.91 5.55 -14.00
CA THR D 108 -13.97 6.50 -14.30
C THR D 108 -15.33 6.08 -13.75
N HIS D 109 -15.55 4.78 -13.65
CA HIS D 109 -16.86 4.26 -13.25
C HIS D 109 -16.86 3.29 -12.08
N TRP D 110 -17.84 3.39 -11.19
CA TRP D 110 -18.00 2.43 -10.11
C TRP D 110 -19.40 1.85 -9.98
N ALA D 111 -19.48 0.66 -9.39
CA ALA D 111 -20.75 -0.01 -9.13
C ALA D 111 -20.68 -1.03 -8.04
N GLY D 112 -21.72 -1.15 -7.22
CA GLY D 112 -21.77 -2.13 -6.17
C GLY D 112 -22.23 -1.58 -4.84
N SER D 113 -22.31 -2.46 -3.87
CA SER D 113 -22.70 -2.09 -2.52
C SER D 113 -21.51 -1.85 -1.64
N LEU D 114 -21.70 -0.90 -0.76
CA LEU D 114 -20.69 -0.44 0.18
C LEU D 114 -21.13 -0.73 1.59
N LYS D 115 -20.22 -0.75 2.56
CA LYS D 115 -20.62 -0.88 3.94
C LYS D 115 -19.81 -0.03 4.90
N PHE D 116 -20.58 0.68 5.73
CA PHE D 116 -20.04 1.54 6.75
C PHE D 116 -20.09 0.87 8.11
N THR D 117 -18.93 0.72 8.73
CA THR D 117 -18.90 0.19 10.09
C THR D 117 -18.45 1.24 11.08
N PHE D 118 -19.21 1.39 12.14
CA PHE D 118 -18.88 2.34 13.19
C PHE D 118 -18.40 1.67 14.48
N LEU D 119 -17.34 2.19 15.05
CA LEU D 119 -16.75 1.70 16.29
C LEU D 119 -16.95 2.67 17.46
N PHE D 120 -17.57 2.21 18.54
CA PHE D 120 -17.74 3.05 19.71
C PHE D 120 -16.54 2.97 20.63
N CYS D 121 -15.92 4.12 20.84
CA CYS D 121 -14.75 4.19 21.69
C CYS D 121 -14.94 4.82 23.06
N GLY D 122 -16.17 4.87 23.54
CA GLY D 122 -16.44 5.33 24.89
C GLY D 122 -16.10 4.27 25.94
N SER D 123 -16.37 4.51 27.21
CA SER D 123 -16.13 3.52 28.24
C SER D 123 -17.14 2.39 28.31
N MET D 124 -16.81 1.25 28.92
CA MET D 124 -17.76 0.14 29.06
C MET D 124 -19.04 0.51 29.79
N MET D 125 -18.93 1.48 30.71
CA MET D 125 -20.08 1.97 31.42
C MET D 125 -21.04 2.84 30.62
N ALA D 126 -20.62 3.35 29.48
CA ALA D 126 -21.49 4.12 28.59
C ALA D 126 -22.42 3.25 27.78
N THR D 127 -23.67 3.63 27.70
CA THR D 127 -24.64 2.92 26.88
C THR D 127 -25.28 3.85 25.88
N GLY D 128 -26.02 3.33 24.92
CA GLY D 128 -26.70 4.17 23.98
C GLY D 128 -27.23 3.47 22.74
N LYS D 129 -28.27 4.04 22.13
CA LYS D 129 -28.77 3.56 20.87
C LYS D 129 -28.69 4.64 19.78
N LEU D 130 -28.06 4.33 18.66
CA LEU D 130 -27.94 5.28 17.56
C LEU D 130 -28.63 4.77 16.29
N LEU D 131 -28.99 5.64 15.35
CA LEU D 131 -29.58 5.22 14.10
C LEU D 131 -28.75 5.67 12.90
N VAL D 132 -28.36 4.70 12.10
CA VAL D 132 -27.55 4.96 10.91
C VAL D 132 -28.39 4.77 9.67
N SER D 133 -28.46 5.83 8.90
CA SER D 133 -29.31 5.91 7.72
C SER D 133 -28.66 6.13 6.37
N TYR D 134 -29.34 5.58 5.39
CA TYR D 134 -29.05 5.76 3.99
C TYR D 134 -30.34 6.07 3.23
N ALA D 135 -30.34 7.22 2.62
CA ALA D 135 -31.45 7.65 1.79
C ALA D 135 -31.07 7.72 0.32
N PRO D 136 -31.57 6.82 -0.53
CA PRO D 136 -31.42 6.96 -1.97
C PRO D 136 -31.83 8.33 -2.48
N PRO D 137 -31.17 8.83 -3.51
CA PRO D 137 -31.26 10.20 -3.98
C PRO D 137 -32.65 10.64 -4.41
N GLY D 138 -32.85 11.93 -4.65
CA GLY D 138 -34.09 12.38 -5.26
C GLY D 138 -35.07 13.13 -4.41
N ALA D 139 -34.89 13.12 -3.11
CA ALA D 139 -35.71 13.91 -2.22
C ALA D 139 -34.83 14.85 -1.39
N ASP D 140 -35.46 15.65 -0.53
CA ASP D 140 -34.75 16.48 0.41
C ASP D 140 -33.77 15.69 1.26
N PRO D 141 -32.47 15.96 1.26
CA PRO D 141 -31.51 15.25 2.06
C PRO D 141 -31.89 15.32 3.53
N PRO D 142 -31.98 14.21 4.26
CA PRO D 142 -32.45 14.20 5.62
C PRO D 142 -31.73 15.13 6.58
N LYS D 143 -32.53 15.86 7.33
CA LYS D 143 -31.99 16.71 8.37
C LYS D 143 -32.45 16.44 9.78
N LYS D 144 -33.41 15.52 9.87
CA LYS D 144 -34.04 15.15 11.12
C LYS D 144 -34.25 13.67 11.14
N ARG D 145 -34.13 13.02 12.30
CA ARG D 145 -34.35 11.60 12.42
C ARG D 145 -35.62 11.13 11.71
N LYS D 146 -36.69 11.90 11.81
CA LYS D 146 -37.97 11.58 11.20
C LYS D 146 -37.86 11.29 9.71
N GLU D 147 -37.17 12.16 8.96
CA GLU D 147 -36.93 11.90 7.56
C GLU D 147 -35.99 10.71 7.34
N ALA D 148 -34.87 10.74 8.04
CA ALA D 148 -33.87 9.70 7.90
C ALA D 148 -34.38 8.27 8.12
N MET D 149 -35.26 8.17 9.09
CA MET D 149 -35.92 6.95 9.47
C MET D 149 -36.64 6.25 8.31
N LEU D 150 -37.24 7.02 7.42
CA LEU D 150 -38.00 6.50 6.30
C LEU D 150 -37.26 5.74 5.21
N GLY D 151 -35.95 5.83 5.20
CA GLY D 151 -35.14 5.12 4.26
C GLY D 151 -34.40 3.90 4.83
N THR D 152 -33.33 3.49 4.17
CA THR D 152 -32.59 2.33 4.62
C THR D 152 -31.85 2.64 5.89
N HIS D 153 -32.06 1.88 6.94
CA HIS D 153 -31.33 2.15 8.18
C HIS D 153 -31.13 0.98 9.09
N VAL D 154 -30.27 1.24 10.07
CA VAL D 154 -29.95 0.31 11.12
C VAL D 154 -29.98 1.01 12.47
N ILE D 155 -30.68 0.46 13.43
CA ILE D 155 -30.62 0.95 14.79
C ILE D 155 -29.59 0.14 15.55
N TRP D 156 -28.50 0.82 15.82
CA TRP D 156 -27.33 0.31 16.53
C TRP D 156 -27.46 0.39 18.04
N ASP D 157 -27.42 -0.75 18.71
CA ASP D 157 -27.40 -0.76 20.16
C ASP D 157 -26.00 -0.96 20.73
N ILE D 158 -25.48 0.03 21.46
CA ILE D 158 -24.15 -0.09 22.03
C ILE D 158 -24.03 -1.10 23.18
N GLY D 159 -23.06 -1.99 23.08
CA GLY D 159 -22.84 -3.03 24.07
C GLY D 159 -21.54 -3.79 23.86
N LEU D 160 -21.44 -5.06 24.23
CA LEU D 160 -20.22 -5.83 24.08
C LEU D 160 -19.64 -5.87 22.70
N GLN D 161 -20.50 -6.13 21.72
CA GLN D 161 -20.04 -6.05 20.34
C GLN D 161 -19.87 -4.57 20.08
N SER D 162 -18.59 -4.21 20.08
CA SER D 162 -18.18 -2.81 19.98
C SER D 162 -18.63 -2.00 18.78
N SER D 163 -18.76 -2.72 17.68
CA SER D 163 -19.03 -2.10 16.41
C SER D 163 -20.31 -2.54 15.72
N CYS D 164 -20.75 -1.69 14.79
CA CYS D 164 -21.95 -1.98 14.00
C CYS D 164 -21.79 -1.65 12.54
N THR D 165 -22.26 -2.54 11.68
CA THR D 165 -22.16 -2.36 10.24
C THR D 165 -23.48 -2.06 9.56
N MET D 166 -23.52 -0.99 8.80
CA MET D 166 -24.65 -0.71 7.92
C MET D 166 -24.26 -0.90 6.45
N VAL D 167 -25.03 -1.72 5.73
CA VAL D 167 -24.78 -1.89 4.32
C VAL D 167 -25.60 -0.92 3.47
N VAL D 168 -24.92 -0.23 2.57
CA VAL D 168 -25.52 0.66 1.61
C VAL D 168 -25.70 -0.14 0.32
N PRO D 169 -26.90 -0.63 0.04
CA PRO D 169 -27.13 -1.53 -1.08
C PRO D 169 -27.00 -0.80 -2.40
N TRP D 170 -26.49 -1.46 -3.43
CA TRP D 170 -26.50 -0.84 -4.75
C TRP D 170 -27.91 -0.50 -5.24
N ILE D 171 -28.24 0.78 -5.20
CA ILE D 171 -29.50 1.26 -5.71
C ILE D 171 -29.21 2.41 -6.67
N SER D 172 -29.29 2.11 -7.95
CA SER D 172 -28.96 3.07 -8.99
C SER D 172 -29.82 2.97 -10.22
N ASN D 173 -30.04 4.07 -10.94
CA ASN D 173 -30.69 3.98 -12.25
C ASN D 173 -29.70 3.44 -13.28
N THR D 174 -28.53 4.05 -13.32
CA THR D 174 -27.48 3.63 -14.22
C THR D 174 -26.78 2.37 -13.76
N THR D 175 -26.17 1.66 -14.69
CA THR D 175 -25.47 0.42 -14.37
C THR D 175 -24.14 0.64 -13.68
N TYR D 176 -23.57 1.80 -13.92
CA TYR D 176 -22.38 2.29 -13.25
C TYR D 176 -22.54 3.77 -12.92
N ARG D 177 -21.94 4.26 -11.85
CA ARG D 177 -21.91 5.67 -11.51
C ARG D 177 -20.55 6.28 -11.86
N GLN D 178 -20.46 7.59 -12.02
CA GLN D 178 -19.19 8.23 -12.36
C GLN D 178 -18.36 8.48 -11.11
N THR D 179 -17.05 8.49 -11.20
CA THR D 179 -16.22 8.80 -10.04
C THR D 179 -16.03 10.29 -9.79
N ILE D 180 -17.03 11.09 -10.12
CA ILE D 180 -16.99 12.54 -9.94
C ILE D 180 -18.34 13.04 -9.46
N ASP D 181 -18.44 14.21 -8.85
CA ASP D 181 -19.73 14.78 -8.52
C ASP D 181 -20.55 15.02 -9.75
N ASP D 182 -21.69 14.37 -9.77
CA ASP D 182 -22.54 14.44 -10.91
C ASP D 182 -23.98 14.07 -10.60
N SER D 183 -24.88 15.02 -10.78
CA SER D 183 -26.30 14.81 -10.54
C SER D 183 -26.97 13.63 -11.16
N PHE D 184 -26.64 13.33 -12.42
CA PHE D 184 -27.27 12.18 -13.07
C PHE D 184 -26.96 10.87 -12.37
N THR D 185 -25.75 10.79 -11.81
CA THR D 185 -25.36 9.57 -11.11
C THR D 185 -25.14 9.76 -9.63
N GLU D 186 -25.93 10.65 -9.05
CA GLU D 186 -25.87 10.89 -7.62
C GLU D 186 -26.26 9.65 -6.82
N GLY D 187 -25.67 9.43 -5.66
CA GLY D 187 -25.93 8.21 -4.92
C GLY D 187 -26.76 8.35 -3.67
N GLY D 188 -27.03 9.54 -3.16
CA GLY D 188 -27.82 9.64 -1.94
C GLY D 188 -27.09 10.10 -0.70
N TYR D 189 -27.75 9.88 0.42
CA TYR D 189 -27.32 10.46 1.69
C TYR D 189 -27.14 9.54 2.86
N ILE D 190 -25.95 9.56 3.44
CA ILE D 190 -25.68 8.85 4.67
C ILE D 190 -25.77 9.82 5.85
N SER D 191 -26.45 9.43 6.90
CA SER D 191 -26.55 10.26 8.09
C SER D 191 -26.71 9.49 9.38
N VAL D 192 -26.24 10.04 10.49
CA VAL D 192 -26.32 9.35 11.76
C VAL D 192 -27.02 10.16 12.82
N PHE D 193 -27.84 9.49 13.61
CA PHE D 193 -28.64 10.11 14.64
C PHE D 193 -28.62 9.42 15.98
N TYR D 194 -28.99 10.12 17.04
CA TYR D 194 -29.22 9.53 18.33
C TYR D 194 -30.59 8.88 18.39
N GLN D 195 -30.75 7.57 18.62
CA GLN D 195 -32.08 6.96 18.71
C GLN D 195 -32.71 7.28 20.07
N THR D 196 -31.95 7.05 21.10
CA THR D 196 -32.35 7.42 22.45
C THR D 196 -31.35 8.50 22.88
N ARG D 197 -30.31 8.18 23.64
CA ARG D 197 -29.22 9.10 23.94
C ARG D 197 -28.08 8.31 24.58
N ILE D 198 -26.90 8.88 24.62
CA ILE D 198 -25.80 8.25 25.33
C ILE D 198 -26.00 8.50 26.83
N VAL D 199 -25.93 7.43 27.59
CA VAL D 199 -26.09 7.51 29.02
C VAL D 199 -24.89 6.96 29.76
N VAL D 200 -24.35 7.75 30.68
CA VAL D 200 -23.27 7.31 31.54
C VAL D 200 -23.60 7.44 33.03
N PRO D 201 -22.98 6.67 33.91
CA PRO D 201 -23.12 6.81 35.34
C PRO D 201 -22.27 7.98 35.84
N LEU D 202 -22.14 8.19 37.13
CA LEU D 202 -21.23 9.23 37.61
C LEU D 202 -19.81 8.70 37.50
N SER D 203 -18.81 9.55 37.74
CA SER D 203 -17.38 9.19 37.69
C SER D 203 -16.91 8.68 36.32
N THR D 204 -17.74 8.88 35.31
CA THR D 204 -17.55 8.40 33.94
C THR D 204 -17.43 9.59 33.01
N PRO D 205 -16.61 9.59 31.97
CA PRO D 205 -16.62 10.61 30.94
C PRO D 205 -17.91 10.78 30.18
N ARG D 206 -18.34 12.03 29.99
CA ARG D 206 -19.60 12.33 29.31
C ARG D 206 -19.49 12.57 27.81
N GLU D 207 -18.26 12.64 27.34
CA GLU D 207 -18.04 12.75 25.91
C GLU D 207 -17.12 11.65 25.46
N MET D 208 -17.28 11.21 24.24
CA MET D 208 -16.50 10.12 23.72
C MET D 208 -16.53 10.14 22.21
N ASP D 209 -15.66 9.36 21.63
CA ASP D 209 -15.57 9.27 20.19
C ASP D 209 -16.06 8.00 19.55
N ILE D 210 -16.56 8.17 18.35
CA ILE D 210 -16.79 7.02 17.51
C ILE D 210 -15.94 7.19 16.28
N LEU D 211 -15.58 6.05 15.71
CA LEU D 211 -14.80 6.00 14.49
C LEU D 211 -15.58 5.29 13.42
N GLY D 212 -15.39 5.63 12.17
CA GLY D 212 -16.10 5.02 11.08
C GLY D 212 -15.19 4.47 9.99
N PHE D 213 -15.62 3.37 9.40
CA PHE D 213 -14.87 2.72 8.36
C PHE D 213 -15.71 2.39 7.15
N VAL D 214 -15.12 2.44 5.98
CA VAL D 214 -15.81 2.05 4.76
C VAL D 214 -15.02 0.98 4.01
N SER D 215 -15.77 0.05 3.47
CA SER D 215 -15.22 -0.95 2.57
C SER D 215 -16.25 -1.41 1.57
N ALA D 216 -15.77 -1.97 0.48
CA ALA D 216 -16.62 -2.49 -0.55
C ALA D 216 -17.14 -3.91 -0.31
N CYS D 217 -18.35 -4.19 -0.75
CA CYS D 217 -18.91 -5.52 -0.72
C CYS D 217 -18.41 -6.38 -1.89
N ASN D 218 -18.54 -7.70 -1.86
CA ASN D 218 -18.12 -8.56 -2.95
C ASN D 218 -18.78 -8.36 -4.32
N ASP D 219 -19.75 -7.49 -4.43
CA ASP D 219 -20.44 -7.25 -5.69
C ASP D 219 -19.96 -5.94 -6.34
N PHE D 220 -18.88 -5.39 -5.81
CA PHE D 220 -18.39 -4.10 -6.23
C PHE D 220 -17.34 -4.19 -7.32
N SER D 221 -17.44 -3.31 -8.31
CA SER D 221 -16.45 -3.27 -9.37
C SER D 221 -16.21 -1.87 -9.90
N VAL D 222 -15.12 -1.71 -10.62
CA VAL D 222 -14.74 -0.45 -11.24
C VAL D 222 -14.28 -0.64 -12.69
N ARG D 223 -14.41 0.39 -13.51
CA ARG D 223 -13.93 0.34 -14.89
C ARG D 223 -13.52 1.67 -15.50
N LEU D 224 -12.94 1.59 -16.69
CA LEU D 224 -12.30 2.66 -17.44
C LEU D 224 -11.18 3.35 -16.66
N LEU D 225 -10.03 2.69 -16.71
CA LEU D 225 -8.83 3.16 -16.07
C LEU D 225 -8.45 4.58 -16.47
N ARG D 226 -8.04 5.39 -15.52
CA ARG D 226 -7.72 6.78 -15.73
C ARG D 226 -6.68 7.30 -14.77
N ASP D 227 -6.05 8.39 -15.12
CA ASP D 227 -5.15 9.04 -14.19
C ASP D 227 -5.85 9.75 -13.02
N THR D 228 -5.24 9.74 -11.87
CA THR D 228 -5.84 10.36 -10.70
C THR D 228 -5.52 11.85 -10.57
N THR D 229 -6.36 12.56 -9.86
CA THR D 229 -6.01 13.93 -9.53
C THR D 229 -5.34 14.04 -8.17
N HIS D 230 -5.19 12.94 -7.43
CA HIS D 230 -4.60 12.96 -6.10
C HIS D 230 -3.08 13.02 -5.97
N ILE D 231 -2.42 13.26 -7.08
CA ILE D 231 -0.98 13.46 -7.13
C ILE D 231 -0.69 14.22 -8.40
N GLU D 232 0.34 15.00 -8.34
CA GLU D 232 0.77 15.76 -9.50
C GLU D 232 2.24 16.15 -9.43
N GLN D 233 2.71 16.73 -10.51
CA GLN D 233 4.12 17.11 -10.54
C GLN D 233 4.39 18.46 -11.19
N LYS D 234 3.64 19.44 -10.69
CA LYS D 234 3.88 20.86 -11.06
C LYS D 234 5.39 21.17 -11.12
N ALA D 235 5.91 21.17 -12.36
CA ALA D 235 7.34 21.40 -12.66
C ALA D 235 8.25 20.22 -12.34
N GLY E 1 2.43 -24.14 -33.51
CA GLY E 1 2.59 -23.49 -32.21
C GLY E 1 1.58 -22.40 -31.91
N ALA E 2 0.58 -22.22 -32.77
CA ALA E 2 -0.43 -21.18 -32.55
C ALA E 2 -1.32 -21.47 -31.36
N GLN E 3 -1.71 -20.41 -30.67
CA GLN E 3 -2.52 -20.55 -29.48
C GLN E 3 -3.85 -19.85 -29.66
N VAL E 4 -4.94 -20.60 -29.53
CA VAL E 4 -6.26 -20.03 -29.80
C VAL E 4 -7.07 -19.83 -28.54
N SER E 5 -7.60 -18.64 -28.34
CA SER E 5 -8.38 -18.41 -27.15
C SER E 5 -9.65 -17.67 -27.45
N SER E 6 -10.57 -17.63 -26.52
CA SER E 6 -11.79 -16.89 -26.80
C SER E 6 -11.91 -15.53 -26.13
N GLN E 7 -12.49 -14.66 -26.92
CA GLN E 7 -12.74 -13.30 -26.46
C GLN E 7 -14.03 -13.29 -25.64
N LYS E 8 -14.08 -12.60 -24.52
CA LYS E 8 -15.34 -12.35 -23.82
C LYS E 8 -16.10 -11.25 -24.57
N VAL E 9 -16.96 -11.63 -25.51
CA VAL E 9 -17.60 -10.59 -26.33
C VAL E 9 -18.48 -9.49 -25.70
N GLY E 10 -18.08 -8.22 -25.90
CA GLY E 10 -18.90 -7.11 -25.37
C GLY E 10 -20.13 -6.83 -26.25
N ALA E 11 -20.18 -5.79 -27.09
CA ALA E 11 -21.34 -5.52 -27.93
C ALA E 11 -21.33 -6.31 -29.27
N HIS E 12 -22.34 -7.15 -29.43
CA HIS E 12 -22.48 -8.04 -30.57
C HIS E 12 -22.95 -7.35 -31.86
N GLU E 13 -22.44 -7.78 -33.01
CA GLU E 13 -22.81 -7.17 -34.28
C GLU E 13 -24.29 -7.13 -34.68
N SER E 22 -22.42 -18.37 -31.65
CA SER E 22 -21.20 -19.06 -31.20
C SER E 22 -20.12 -18.14 -30.63
N THR E 23 -19.25 -18.76 -29.82
CA THR E 23 -18.05 -18.12 -29.27
C THR E 23 -17.07 -17.49 -30.31
N ILE E 24 -16.46 -16.33 -30.04
CA ILE E 24 -15.44 -15.83 -30.98
C ILE E 24 -14.01 -16.00 -30.44
N ASN E 25 -13.11 -16.42 -31.29
CA ASN E 25 -11.73 -16.61 -30.91
C ASN E 25 -10.72 -15.65 -31.50
N TYR E 26 -9.55 -15.60 -30.87
CA TYR E 26 -8.43 -14.90 -31.47
C TYR E 26 -7.19 -15.78 -31.44
N THR E 27 -6.20 -15.44 -32.24
CA THR E 27 -5.04 -16.28 -32.36
C THR E 27 -3.75 -15.60 -32.01
N THR E 28 -2.91 -16.33 -31.29
CA THR E 28 -1.59 -15.81 -30.90
C THR E 28 -0.45 -16.72 -31.27
N ILE E 29 0.63 -16.14 -31.73
CA ILE E 29 1.87 -16.84 -32.00
C ILE E 29 3.05 -16.09 -31.42
N ASN E 30 3.88 -16.78 -30.66
CA ASN E 30 5.08 -16.18 -30.11
C ASN E 30 6.24 -16.28 -31.07
N TYR E 31 6.81 -15.13 -31.35
CA TYR E 31 7.88 -15.05 -32.33
C TYR E 31 9.28 -15.10 -31.75
N TYR E 32 9.37 -14.84 -30.46
CA TYR E 32 10.66 -14.76 -29.80
C TYR E 32 10.93 -15.87 -28.81
N ARG E 33 12.19 -16.22 -28.64
CA ARG E 33 12.58 -17.24 -27.67
C ARG E 33 12.45 -16.83 -26.20
N ASP E 34 12.72 -15.56 -25.90
CA ASP E 34 12.62 -15.08 -24.54
C ASP E 34 11.20 -14.77 -24.09
N SER E 35 10.72 -15.36 -22.99
CA SER E 35 9.36 -15.09 -22.53
C SER E 35 9.11 -13.65 -22.16
N ALA E 36 10.15 -12.90 -21.86
CA ALA E 36 10.03 -11.46 -21.64
C ALA E 36 9.52 -10.71 -22.87
N SER E 37 9.74 -11.23 -24.05
CA SER E 37 9.26 -10.61 -25.29
C SER E 37 7.76 -10.77 -25.53
N ASN E 38 7.18 -11.79 -24.92
CA ASN E 38 5.77 -12.08 -25.05
C ASN E 38 4.88 -10.96 -24.60
N ALA E 39 3.76 -10.76 -25.30
CA ALA E 39 2.77 -9.81 -24.85
C ALA E 39 2.10 -10.28 -23.57
N ALA E 40 1.26 -9.47 -22.95
CA ALA E 40 0.55 -9.95 -21.80
C ALA E 40 -0.71 -10.67 -22.22
N SER E 41 -0.89 -11.89 -21.76
CA SER E 41 -2.11 -12.64 -22.05
C SER E 41 -3.45 -12.15 -21.50
N LYS E 42 -3.40 -11.38 -20.39
CA LYS E 42 -4.58 -10.89 -19.66
C LYS E 42 -5.52 -11.96 -19.11
N GLN E 43 -5.16 -13.23 -19.30
CA GLN E 43 -5.90 -14.38 -18.80
C GLN E 43 -5.53 -14.58 -17.34
N ASP E 44 -5.99 -13.64 -16.49
CA ASP E 44 -5.62 -13.67 -15.10
C ASP E 44 -6.58 -14.23 -14.06
N PHE E 45 -6.03 -14.70 -12.95
CA PHE E 45 -6.89 -15.26 -11.91
C PHE E 45 -7.21 -14.34 -10.74
N SER E 46 -8.39 -14.50 -10.20
CA SER E 46 -8.78 -13.75 -9.01
C SER E 46 -8.57 -14.57 -7.77
N GLN E 47 -8.33 -13.93 -6.66
CA GLN E 47 -8.23 -14.62 -5.38
C GLN E 47 -9.19 -14.01 -4.38
N ASP E 48 -9.39 -14.68 -3.26
CA ASP E 48 -10.27 -14.09 -2.29
C ASP E 48 -9.53 -13.27 -1.24
N PRO E 49 -10.10 -12.17 -0.73
CA PRO E 49 -9.39 -11.14 0.04
C PRO E 49 -9.04 -11.55 1.48
N SER E 50 -9.56 -12.69 1.94
CA SER E 50 -9.35 -13.20 3.28
C SER E 50 -8.08 -12.87 4.06
N LYS E 51 -6.93 -13.05 3.39
CA LYS E 51 -5.64 -12.79 4.01
C LYS E 51 -5.46 -11.34 4.42
N PHE E 52 -6.21 -10.43 3.82
CA PHE E 52 -6.23 -9.03 4.20
C PHE E 52 -7.48 -8.65 4.99
N THR E 53 -8.65 -9.12 4.57
CA THR E 53 -9.90 -8.74 5.23
C THR E 53 -10.21 -9.49 6.50
N GLU E 54 -9.73 -10.71 6.61
CA GLU E 54 -9.93 -11.53 7.79
C GLU E 54 -8.70 -12.31 8.29
N PRO E 55 -7.58 -11.64 8.64
CA PRO E 55 -6.32 -12.30 8.96
C PRO E 55 -6.34 -12.91 10.36
N ILE E 56 -7.50 -13.24 10.92
CA ILE E 56 -7.58 -13.71 12.27
C ILE E 56 -7.37 -15.21 12.43
N LYS E 57 -6.69 -15.58 13.51
CA LYS E 57 -6.42 -16.99 13.82
C LYS E 57 -7.70 -17.82 13.89
N ASP E 58 -8.70 -17.38 14.62
CA ASP E 58 -9.96 -18.13 14.60
C ASP E 58 -10.97 -17.72 13.54
N VAL E 59 -11.17 -18.52 12.47
CA VAL E 59 -12.26 -18.34 11.49
C VAL E 59 -13.52 -17.61 11.99
N LEU E 60 -13.96 -16.60 11.23
CA LEU E 60 -15.15 -15.89 11.72
C LEU E 60 -16.48 -16.25 11.11
N ILE E 61 -17.50 -16.49 11.91
CA ILE E 61 -18.83 -16.67 11.33
C ILE E 61 -19.62 -15.36 11.36
N LYS E 62 -19.92 -14.74 10.22
CA LYS E 62 -20.62 -13.45 10.25
C LYS E 62 -21.97 -13.41 10.99
N THR E 63 -22.73 -14.49 11.16
CA THR E 63 -23.97 -14.33 11.90
C THR E 63 -23.82 -14.40 13.41
N ALA E 64 -22.67 -14.90 13.85
CA ALA E 64 -22.43 -15.02 15.28
C ALA E 64 -21.66 -13.82 15.88
N PRO E 65 -21.66 -13.59 17.20
CA PRO E 65 -20.88 -12.52 17.81
C PRO E 65 -19.41 -12.57 17.49
N MET E 66 -18.85 -11.54 16.85
CA MET E 66 -17.39 -11.48 16.62
C MET E 66 -16.56 -11.76 17.89
N LEU E 67 -17.08 -11.29 19.02
CA LEU E 67 -16.46 -11.52 20.30
C LEU E 67 -17.30 -12.33 21.25
N ASN E 68 -16.81 -13.50 21.63
CA ASN E 68 -17.58 -14.30 22.59
C ASN E 68 -16.67 -14.96 23.64
C1 SPH F . 13.33 -1.57 -6.25
O1 SPH F . 14.29 -2.64 -6.33
C2 SPH F . 13.36 -0.46 -7.30
N2 SPH F . 14.51 0.42 -7.12
C3 SPH F . 13.36 -1.21 -8.72
O3 SPH F . 12.01 -1.72 -8.71
C4 SPH F . 13.25 -0.32 -9.91
C5 SPH F . 12.74 -0.65 -11.13
C6 SPH F . 13.14 -1.75 -12.03
C7 SPH F . 14.26 -1.16 -12.88
C8 SPH F . 14.96 -2.21 -13.73
C9 SPH F . 15.68 -1.51 -14.87
C10 SPH F . 15.95 -2.43 -16.05
C11 SPH F . 17.39 -2.31 -16.52
C12 SPH F . 17.58 -2.79 -17.96
C13 SPH F . 17.14 -1.76 -18.98
C14 SPH F . 17.78 -2.09 -20.31
C15 SPH F . 17.40 -1.13 -21.43
C16 SPH F . 18.15 -1.54 -22.70
C17 SPH F . 17.84 -0.64 -23.88
C18 SPH F . 18.77 -0.86 -25.08
C1 MYR G . 2.76 -23.53 -34.63
O1 MYR G . 3.17 -22.37 -34.59
C2 MYR G . 2.59 -24.24 -35.96
C3 MYR G . 1.83 -23.39 -36.97
C4 MYR G . 2.67 -22.26 -37.59
C5 MYR G . 1.71 -21.31 -38.30
C6 MYR G . 2.34 -20.23 -39.20
C7 MYR G . 3.17 -19.25 -38.36
C8 MYR G . 3.22 -17.85 -39.02
C9 MYR G . 4.65 -17.39 -39.23
C10 MYR G . 5.40 -17.55 -37.89
C11 MYR G . 6.90 -17.36 -38.11
C12 MYR G . 7.49 -17.18 -36.73
C13 MYR G . 8.38 -15.94 -36.73
C14 MYR G . 9.51 -16.05 -35.66
#